data_4ERZ
#
_entry.id   4ERZ
#
_cell.length_a   139.030
_cell.length_b   80.290
_cell.length_c   87.630
_cell.angle_alpha   90.00
_cell.angle_beta   90.04
_cell.angle_gamma   90.00
#
_symmetry.space_group_name_H-M   'C 1 2 1'
#
loop_
_entity.id
_entity.type
_entity.pdbx_description
1 polymer 'WD repeat-containing protein 5'
2 polymer 'Histone-lysine N-methyltransferase MLL4'
3 water water
#
loop_
_entity_poly.entity_id
_entity_poly.type
_entity_poly.pdbx_seq_one_letter_code
_entity_poly.pdbx_strand_id
1 'polypeptide(L)'
;ATQSKPTPVKPNYALKFTLAGHTKAVSSVKFSPNGEWLASSSADKLIKIWGAYDGKFEKTISGHKLGISDVAWSSDSNLL
VSASDDKTLKIWDVSSGKCLKTLKGHSNYVFCCNFNPQSNLIVSGSFDESVRIWDVKTGKCLKTLPAHSDPVSAVHFNRD
GSLIVSSSYDGLCRIWDTASGQCLKTLIDDDNPPVSFVKFSPNGKYILAATLDNTLKLWDYSKGKCLKTYTGHKNEKYCI
FANFSVTGGKWIVSGSEDNLVYIWNLQTKEIVQKLQGHTDVVISTACHPTENIIASAALENDKTIKLWKSDC
;
A,B,C
2 'polypeptide(L)' LNPHGAARAEVYLR D,E,F
#
# COMPACT_ATOMS: atom_id res chain seq x y z
N VAL A 9 9.29 3.82 -31.10
CA VAL A 9 8.19 3.18 -31.82
C VAL A 9 6.92 3.17 -30.96
N LYS A 10 5.77 3.33 -31.61
CA LYS A 10 4.49 3.35 -30.89
C LYS A 10 3.40 2.69 -31.70
N PRO A 11 2.48 1.98 -31.03
CA PRO A 11 1.38 1.36 -31.77
C PRO A 11 0.41 2.44 -32.21
N ASN A 12 -0.47 2.11 -33.13
CA ASN A 12 -1.46 3.07 -33.63
C ASN A 12 -2.85 2.48 -33.56
N TYR A 13 -3.22 1.96 -32.39
CA TYR A 13 -4.55 1.39 -32.23
C TYR A 13 -5.65 2.41 -32.54
N ALA A 14 -6.61 1.99 -33.37
CA ALA A 14 -7.74 2.84 -33.72
C ALA A 14 -9.00 2.01 -33.65
N LEU A 15 -10.10 2.66 -33.28
CA LEU A 15 -11.37 1.95 -33.10
C LEU A 15 -11.89 1.43 -34.44
N LYS A 16 -12.23 0.15 -34.49
CA LYS A 16 -12.77 -0.44 -35.71
C LYS A 16 -14.22 -0.86 -35.59
N PHE A 17 -14.59 -1.44 -34.46
CA PHE A 17 -15.94 -1.92 -34.26
C PHE A 17 -16.39 -1.66 -32.84
N THR A 18 -17.68 -1.47 -32.67
CA THR A 18 -18.27 -1.41 -31.34
C THR A 18 -19.32 -2.50 -31.28
N LEU A 19 -19.18 -3.36 -30.27
CA LEU A 19 -20.04 -4.52 -30.14
C LEU A 19 -21.09 -4.23 -29.08
N ALA A 20 -22.33 -4.08 -29.53
CA ALA A 20 -23.43 -3.75 -28.64
C ALA A 20 -24.41 -4.91 -28.58
N GLY A 21 -24.93 -5.17 -27.39
CA GLY A 21 -25.88 -6.26 -27.23
C GLY A 21 -26.16 -6.56 -25.78
N HIS A 22 -25.12 -6.53 -24.96
CA HIS A 22 -25.30 -6.76 -23.54
C HIS A 22 -26.16 -5.66 -22.91
N THR A 23 -26.97 -6.04 -21.92
CA THR A 23 -27.92 -5.10 -21.33
C THR A 23 -27.49 -4.64 -19.94
N LYS A 24 -26.34 -5.13 -19.47
CA LYS A 24 -25.74 -4.64 -18.24
C LYS A 24 -24.22 -4.53 -18.42
N ALA A 25 -23.50 -4.25 -17.33
CA ALA A 25 -22.03 -4.16 -17.42
C ALA A 25 -21.46 -5.39 -18.11
N VAL A 26 -20.46 -5.19 -18.96
CA VAL A 26 -19.66 -6.30 -19.48
C VAL A 26 -18.51 -6.47 -18.50
N SER A 27 -18.27 -7.70 -18.04
CA SER A 27 -17.26 -7.92 -17.01
C SER A 27 -15.90 -8.41 -17.52
N SER A 28 -15.88 -9.11 -18.65
CA SER A 28 -14.64 -9.70 -19.13
C SER A 28 -14.76 -10.03 -20.61
N VAL A 29 -13.70 -9.77 -21.37
CA VAL A 29 -13.62 -10.25 -22.76
C VAL A 29 -12.33 -11.03 -22.93
N LYS A 30 -12.39 -12.06 -23.77
CA LYS A 30 -11.26 -12.94 -24.03
C LYS A 30 -11.33 -13.44 -25.47
N PHE A 31 -10.19 -13.40 -26.16
CA PHE A 31 -10.12 -13.98 -27.49
C PHE A 31 -9.86 -15.50 -27.43
N SER A 32 -10.49 -16.25 -28.32
CA SER A 32 -10.21 -17.69 -28.42
C SER A 32 -8.76 -17.90 -28.85
N PRO A 33 -8.12 -18.99 -28.39
CA PRO A 33 -6.72 -19.20 -28.76
C PRO A 33 -6.53 -19.37 -30.28
N ASN A 34 -7.56 -19.81 -30.99
CA ASN A 34 -7.48 -19.95 -32.45
C ASN A 34 -7.73 -18.64 -33.20
N GLY A 35 -8.01 -17.57 -32.44
CA GLY A 35 -8.16 -16.26 -33.02
C GLY A 35 -9.48 -15.97 -33.71
N GLU A 36 -10.36 -16.96 -33.76
CA GLU A 36 -11.61 -16.80 -34.51
C GLU A 36 -12.68 -15.99 -33.77
N TRP A 37 -12.67 -16.07 -32.44
CA TRP A 37 -13.78 -15.53 -31.66
C TRP A 37 -13.36 -14.60 -30.51
N LEU A 38 -14.31 -13.78 -30.07
CA LEU A 38 -14.20 -13.10 -28.80
C LEU A 38 -15.37 -13.57 -27.96
N ALA A 39 -15.10 -13.95 -26.71
CA ALA A 39 -16.20 -14.21 -25.78
C ALA A 39 -16.30 -13.05 -24.80
N SER A 40 -17.51 -12.70 -24.43
CA SER A 40 -17.71 -11.66 -23.44
C SER A 40 -18.67 -12.18 -22.40
N SER A 41 -18.44 -11.80 -21.15
CA SER A 41 -19.34 -12.18 -20.08
C SER A 41 -19.91 -10.91 -19.51
N SER A 42 -21.10 -11.00 -18.92
CA SER A 42 -21.79 -9.80 -18.47
C SER A 42 -22.61 -9.98 -17.21
N ALA A 43 -22.85 -8.86 -16.54
CA ALA A 43 -23.76 -8.80 -15.41
C ALA A 43 -25.18 -9.17 -15.81
N ASP A 44 -25.46 -9.18 -17.12
CA ASP A 44 -26.79 -9.57 -17.61
C ASP A 44 -27.02 -11.09 -17.62
N LYS A 45 -26.10 -11.84 -17.01
CA LYS A 45 -26.14 -13.29 -16.90
C LYS A 45 -25.77 -14.05 -18.17
N LEU A 46 -25.34 -13.34 -19.21
CA LEU A 46 -25.13 -13.98 -20.51
C LEU A 46 -23.68 -13.98 -20.91
N ILE A 47 -23.33 -14.95 -21.72
CA ILE A 47 -22.06 -14.94 -22.45
C ILE A 47 -22.42 -14.68 -23.90
N LYS A 48 -21.68 -13.82 -24.58
CA LYS A 48 -21.90 -13.60 -25.99
C LYS A 48 -20.63 -13.94 -26.77
N ILE A 49 -20.82 -14.46 -27.98
CA ILE A 49 -19.70 -14.79 -28.86
C ILE A 49 -19.78 -13.89 -30.08
N TRP A 50 -18.65 -13.34 -30.46
CA TRP A 50 -18.54 -12.37 -31.54
C TRP A 50 -17.39 -12.77 -32.44
N GLY A 51 -17.50 -12.48 -33.73
CA GLY A 51 -16.39 -12.68 -34.65
C GLY A 51 -15.24 -11.76 -34.26
N ALA A 52 -14.03 -12.31 -34.17
CA ALA A 52 -12.88 -11.52 -33.76
C ALA A 52 -12.42 -10.50 -34.82
N TYR A 53 -12.73 -10.77 -36.08
CA TYR A 53 -12.23 -9.93 -37.15
C TYR A 53 -13.27 -8.91 -37.63
N ASP A 54 -14.54 -9.29 -37.57
CA ASP A 54 -15.59 -8.42 -38.12
C ASP A 54 -16.51 -7.88 -37.04
N GLY A 55 -16.32 -8.35 -35.81
CA GLY A 55 -17.14 -7.91 -34.70
C GLY A 55 -18.56 -8.43 -34.75
N LYS A 56 -18.84 -9.32 -35.70
CA LYS A 56 -20.21 -9.74 -35.92
C LYS A 56 -20.71 -10.67 -34.81
N PHE A 57 -21.86 -10.33 -34.24
CA PHE A 57 -22.50 -11.18 -33.25
C PHE A 57 -22.72 -12.59 -33.79
N GLU A 58 -22.23 -13.58 -33.04
CA GLU A 58 -22.40 -14.97 -33.41
C GLU A 58 -23.54 -15.63 -32.63
N LYS A 59 -23.48 -15.58 -31.30
CA LYS A 59 -24.47 -16.28 -30.48
C LYS A 59 -24.47 -15.81 -29.04
N THR A 60 -25.60 -16.08 -28.37
CA THR A 60 -25.75 -15.84 -26.93
C THR A 60 -25.76 -17.19 -26.23
N ILE A 61 -25.02 -17.28 -25.14
CA ILE A 61 -24.95 -18.48 -24.32
C ILE A 61 -25.52 -18.13 -22.94
N SER A 62 -26.57 -18.85 -22.54
CA SER A 62 -27.30 -18.51 -21.32
C SER A 62 -27.48 -19.73 -20.42
N GLY A 63 -27.72 -19.50 -19.14
CA GLY A 63 -27.83 -20.60 -18.20
C GLY A 63 -27.60 -20.18 -16.76
N HIS A 64 -26.63 -19.29 -16.55
CA HIS A 64 -26.36 -18.79 -15.21
C HIS A 64 -27.58 -18.07 -14.65
N LYS A 65 -27.79 -18.18 -13.34
CA LYS A 65 -28.98 -17.61 -12.70
C LYS A 65 -28.73 -16.17 -12.26
N LEU A 66 -27.46 -15.78 -12.23
CA LEU A 66 -27.07 -14.43 -11.85
C LEU A 66 -25.94 -13.95 -12.77
N GLY A 67 -25.52 -12.70 -12.60
CA GLY A 67 -24.44 -12.15 -13.42
C GLY A 67 -23.12 -12.89 -13.39
N ILE A 68 -22.29 -12.64 -14.40
CA ILE A 68 -21.04 -13.35 -14.59
C ILE A 68 -19.88 -12.36 -14.51
N SER A 69 -18.82 -12.70 -13.76
CA SER A 69 -17.64 -11.83 -13.59
C SER A 69 -16.44 -12.19 -14.45
N ASP A 70 -16.43 -13.37 -15.06
CA ASP A 70 -15.25 -13.78 -15.84
C ASP A 70 -15.61 -14.92 -16.79
N VAL A 71 -14.85 -15.02 -17.88
CA VAL A 71 -14.99 -16.13 -18.82
C VAL A 71 -13.58 -16.48 -19.31
N ALA A 72 -13.35 -17.74 -19.66
CA ALA A 72 -12.04 -18.14 -20.18
C ALA A 72 -12.18 -19.31 -21.17
N TRP A 73 -11.23 -19.38 -22.10
CA TRP A 73 -11.26 -20.39 -23.17
C TRP A 73 -10.36 -21.59 -22.91
N SER A 74 -10.78 -22.77 -23.36
CA SER A 74 -9.89 -23.93 -23.41
C SER A 74 -8.88 -23.71 -24.54
N SER A 75 -7.74 -24.41 -24.48
CA SER A 75 -6.67 -24.21 -25.45
C SER A 75 -7.07 -24.55 -26.88
N ASP A 76 -8.01 -25.47 -27.05
CA ASP A 76 -8.50 -25.83 -28.38
C ASP A 76 -9.72 -25.02 -28.84
N SER A 77 -10.02 -23.94 -28.12
CA SER A 77 -11.14 -23.05 -28.43
C SER A 77 -12.53 -23.71 -28.47
N ASN A 78 -12.67 -24.93 -27.96
CA ASN A 78 -13.96 -25.60 -28.01
C ASN A 78 -14.82 -25.40 -26.76
N LEU A 79 -14.19 -25.04 -25.65
CA LEU A 79 -14.91 -24.87 -24.38
C LEU A 79 -14.71 -23.47 -23.81
N LEU A 80 -15.72 -23.01 -23.06
CA LEU A 80 -15.57 -21.83 -22.24
C LEU A 80 -15.93 -22.20 -20.82
N VAL A 81 -15.30 -21.54 -19.86
CA VAL A 81 -15.74 -21.63 -18.49
C VAL A 81 -16.07 -20.22 -18.04
N SER A 82 -17.14 -20.08 -17.25
CA SER A 82 -17.61 -18.78 -16.78
C SER A 82 -17.74 -18.82 -15.27
N ALA A 83 -17.53 -17.67 -14.63
CA ALA A 83 -17.58 -17.58 -13.16
C ALA A 83 -18.68 -16.61 -12.75
N SER A 84 -19.63 -17.07 -11.95
CA SER A 84 -20.85 -16.29 -11.69
C SER A 84 -21.12 -15.96 -10.23
N ASP A 85 -21.92 -14.92 -10.03
CA ASP A 85 -22.46 -14.58 -8.72
C ASP A 85 -23.35 -15.69 -8.16
N ASP A 86 -23.86 -16.58 -9.03
CA ASP A 86 -24.72 -17.67 -8.58
C ASP A 86 -23.95 -18.79 -7.84
N LYS A 87 -22.67 -18.52 -7.57
CA LYS A 87 -21.76 -19.40 -6.83
C LYS A 87 -21.22 -20.58 -7.64
N THR A 88 -21.51 -20.61 -8.94
CA THR A 88 -21.07 -21.73 -9.77
C THR A 88 -20.13 -21.26 -10.86
N LEU A 89 -19.42 -22.20 -11.45
CA LEU A 89 -18.81 -22.00 -12.74
C LEU A 89 -19.55 -22.92 -13.69
N LYS A 90 -19.62 -22.55 -14.97
CA LYS A 90 -20.19 -23.49 -15.93
C LYS A 90 -19.20 -23.69 -17.05
N ILE A 91 -19.07 -24.94 -17.50
CA ILE A 91 -18.28 -25.27 -18.68
C ILE A 91 -19.24 -25.38 -19.86
N TRP A 92 -18.90 -24.72 -20.96
CA TRP A 92 -19.80 -24.58 -22.08
C TRP A 92 -19.17 -25.14 -23.32
N ASP A 93 -19.94 -25.90 -24.09
CA ASP A 93 -19.52 -26.27 -25.42
C ASP A 93 -19.88 -25.10 -26.33
N VAL A 94 -18.87 -24.40 -26.83
CA VAL A 94 -19.10 -23.18 -27.60
C VAL A 94 -19.96 -23.40 -28.85
N SER A 95 -19.69 -24.46 -29.60
CA SER A 95 -20.38 -24.67 -30.86
C SER A 95 -21.89 -24.84 -30.66
N SER A 96 -22.27 -25.60 -29.63
CA SER A 96 -23.67 -25.86 -29.35
C SER A 96 -24.27 -24.83 -28.38
N GLY A 97 -23.40 -24.15 -27.64
CA GLY A 97 -23.83 -23.23 -26.61
C GLY A 97 -24.37 -23.95 -25.39
N LYS A 98 -24.17 -25.26 -25.32
CA LYS A 98 -24.73 -26.06 -24.23
C LYS A 98 -23.84 -26.13 -23.00
N CYS A 99 -24.47 -26.12 -21.83
CA CYS A 99 -23.74 -26.26 -20.58
C CYS A 99 -23.39 -27.72 -20.35
N LEU A 100 -22.09 -28.02 -20.35
CA LEU A 100 -21.63 -29.39 -20.18
C LEU A 100 -21.57 -29.78 -18.72
N LYS A 101 -21.10 -28.86 -17.90
CA LYS A 101 -20.92 -29.14 -16.49
C LYS A 101 -21.18 -27.88 -15.71
N THR A 102 -21.80 -28.02 -14.54
CA THR A 102 -21.87 -26.90 -13.61
C THR A 102 -20.98 -27.25 -12.43
N LEU A 103 -19.94 -26.43 -12.22
CA LEU A 103 -18.97 -26.69 -11.16
C LEU A 103 -19.45 -26.06 -9.87
N LYS A 104 -19.84 -26.90 -8.92
CA LYS A 104 -20.45 -26.41 -7.69
C LYS A 104 -19.56 -26.69 -6.49
N GLY A 105 -19.55 -25.79 -5.52
CA GLY A 105 -18.68 -25.95 -4.37
C GLY A 105 -18.36 -24.65 -3.67
N HIS A 106 -18.14 -23.59 -4.45
CA HIS A 106 -17.88 -22.29 -3.86
C HIS A 106 -19.10 -21.84 -3.06
N SER A 107 -18.85 -21.08 -2.00
CA SER A 107 -19.94 -20.66 -1.11
C SER A 107 -20.27 -19.18 -1.23
N ASN A 108 -19.66 -18.52 -2.22
CA ASN A 108 -19.92 -17.11 -2.48
C ASN A 108 -19.62 -16.85 -3.95
N TYR A 109 -19.72 -15.60 -4.40
CA TYR A 109 -19.56 -15.28 -5.82
C TYR A 109 -18.26 -15.87 -6.36
N VAL A 110 -18.31 -16.48 -7.54
CA VAL A 110 -17.08 -16.88 -8.22
C VAL A 110 -16.65 -15.70 -9.08
N PHE A 111 -15.38 -15.30 -8.93
CA PHE A 111 -14.90 -14.01 -9.44
C PHE A 111 -14.01 -14.17 -10.68
N CYS A 112 -13.19 -15.21 -10.70
CA CYS A 112 -12.19 -15.37 -11.76
C CYS A 112 -12.00 -16.83 -12.11
N CYS A 113 -11.55 -17.09 -13.34
CA CYS A 113 -11.37 -18.47 -13.78
C CYS A 113 -10.40 -18.57 -14.95
N ASN A 114 -9.83 -19.75 -15.13
CA ASN A 114 -8.91 -20.01 -16.24
C ASN A 114 -8.70 -21.51 -16.43
N PHE A 115 -8.52 -21.95 -17.67
CA PHE A 115 -8.07 -23.31 -17.94
C PHE A 115 -6.54 -23.34 -17.82
N ASN A 116 -5.97 -24.51 -17.53
CA ASN A 116 -4.55 -24.68 -17.70
C ASN A 116 -4.25 -24.92 -19.21
N PRO A 117 -2.98 -24.82 -19.62
CA PRO A 117 -2.69 -24.94 -21.06
C PRO A 117 -3.14 -26.28 -21.65
N GLN A 118 -2.97 -27.36 -20.91
CA GLN A 118 -3.42 -28.67 -21.34
C GLN A 118 -4.94 -28.72 -21.41
N SER A 119 -5.58 -27.86 -20.61
CA SER A 119 -7.04 -27.73 -20.55
C SER A 119 -7.78 -28.94 -19.95
N ASN A 120 -7.04 -29.74 -19.19
CA ASN A 120 -7.65 -30.79 -18.39
C ASN A 120 -8.06 -30.26 -17.01
N LEU A 121 -7.62 -29.03 -16.69
CA LEU A 121 -7.94 -28.42 -15.39
C LEU A 121 -8.51 -27.01 -15.51
N ILE A 122 -9.38 -26.64 -14.56
CA ILE A 122 -9.82 -25.25 -14.40
C ILE A 122 -9.44 -24.75 -13.01
N VAL A 123 -8.96 -23.51 -12.92
CA VAL A 123 -8.76 -22.90 -11.63
C VAL A 123 -9.76 -21.74 -11.44
N SER A 124 -10.29 -21.59 -10.23
CA SER A 124 -11.27 -20.55 -9.95
C SER A 124 -10.92 -19.83 -8.64
N GLY A 125 -11.32 -18.57 -8.55
CA GLY A 125 -11.14 -17.81 -7.33
C GLY A 125 -12.47 -17.20 -6.93
N SER A 126 -12.71 -17.06 -5.64
CA SER A 126 -14.04 -16.68 -5.18
C SER A 126 -14.04 -15.69 -4.03
N PHE A 127 -15.20 -15.07 -3.82
CA PHE A 127 -15.42 -14.21 -2.67
C PHE A 127 -15.35 -15.05 -1.39
N ASP A 128 -15.41 -16.38 -1.52
CA ASP A 128 -15.28 -17.26 -0.36
C ASP A 128 -13.82 -17.38 0.10
N GLU A 129 -12.94 -16.68 -0.62
CA GLU A 129 -11.51 -16.52 -0.26
C GLU A 129 -10.68 -17.74 -0.61
N SER A 130 -11.27 -18.70 -1.30
CA SER A 130 -10.52 -19.90 -1.70
C SER A 130 -10.18 -19.87 -3.18
N VAL A 131 -9.21 -20.70 -3.54
CA VAL A 131 -8.94 -21.03 -4.94
C VAL A 131 -9.28 -22.51 -5.11
N ARG A 132 -10.05 -22.86 -6.15
CA ARG A 132 -10.38 -24.27 -6.41
C ARG A 132 -9.80 -24.73 -7.72
N ILE A 133 -9.47 -26.01 -7.79
CA ILE A 133 -8.91 -26.61 -9.00
C ILE A 133 -9.83 -27.75 -9.40
N TRP A 134 -10.36 -27.68 -10.62
CA TRP A 134 -11.42 -28.59 -11.06
C TRP A 134 -10.93 -29.49 -12.17
N ASP A 135 -11.40 -30.74 -12.16
CA ASP A 135 -11.14 -31.65 -13.27
C ASP A 135 -12.16 -31.38 -14.37
N VAL A 136 -11.70 -31.01 -15.55
CA VAL A 136 -12.59 -30.64 -16.64
C VAL A 136 -13.41 -31.85 -17.09
N LYS A 137 -12.76 -33.01 -17.09
CA LYS A 137 -13.38 -34.23 -17.63
C LYS A 137 -14.57 -34.71 -16.78
N THR A 138 -14.41 -34.62 -15.46
CA THR A 138 -15.41 -35.16 -14.53
C THR A 138 -16.21 -34.06 -13.84
N GLY A 139 -15.67 -32.84 -13.82
CA GLY A 139 -16.34 -31.74 -13.16
C GLY A 139 -16.14 -31.75 -11.66
N LYS A 140 -15.32 -32.68 -11.18
CA LYS A 140 -15.06 -32.79 -9.75
C LYS A 140 -14.01 -31.79 -9.31
N CYS A 141 -14.18 -31.27 -8.09
CA CYS A 141 -13.18 -30.38 -7.52
C CYS A 141 -12.04 -31.21 -6.93
N LEU A 142 -10.84 -31.00 -7.45
CA LEU A 142 -9.67 -31.75 -7.02
C LEU A 142 -9.05 -31.18 -5.74
N LYS A 143 -8.98 -29.86 -5.66
CA LYS A 143 -8.35 -29.23 -4.52
C LYS A 143 -9.11 -27.97 -4.16
N THR A 144 -9.25 -27.73 -2.86
CA THR A 144 -9.70 -26.45 -2.37
C THR A 144 -8.53 -25.86 -1.62
N LEU A 145 -7.99 -24.74 -2.12
CA LEU A 145 -6.86 -24.10 -1.46
C LEU A 145 -7.33 -22.94 -0.58
N PRO A 146 -6.92 -22.92 0.69
CA PRO A 146 -7.25 -21.81 1.60
C PRO A 146 -6.30 -20.66 1.32
N ALA A 147 -6.51 -20.02 0.18
CA ALA A 147 -5.48 -19.20 -0.46
C ALA A 147 -5.29 -17.85 0.19
N HIS A 148 -6.40 -17.22 0.56
CA HIS A 148 -6.37 -15.82 0.93
C HIS A 148 -7.31 -15.51 2.09
N SER A 149 -7.21 -14.28 2.60
CA SER A 149 -8.07 -13.82 3.71
C SER A 149 -9.05 -12.73 3.26
N ASP A 150 -9.29 -12.65 1.96
CA ASP A 150 -10.18 -11.67 1.35
C ASP A 150 -10.52 -12.24 -0.02
N PRO A 151 -11.53 -11.67 -0.70
CA PRO A 151 -11.88 -12.23 -2.01
C PRO A 151 -10.69 -12.39 -2.95
N VAL A 152 -10.73 -13.44 -3.76
CA VAL A 152 -9.66 -13.73 -4.72
C VAL A 152 -9.98 -13.06 -6.05
N SER A 153 -9.10 -12.17 -6.48
CA SER A 153 -9.39 -11.29 -7.61
C SER A 153 -8.95 -11.84 -8.98
N ALA A 154 -7.97 -12.73 -8.99
CA ALA A 154 -7.48 -13.31 -10.25
C ALA A 154 -6.80 -14.64 -10.00
N VAL A 155 -6.86 -15.52 -10.99
CA VAL A 155 -6.15 -16.81 -10.93
C VAL A 155 -5.65 -17.10 -12.34
N HIS A 156 -4.42 -17.60 -12.46
CA HIS A 156 -3.83 -17.86 -13.77
C HIS A 156 -2.79 -18.98 -13.70
N PHE A 157 -2.80 -19.89 -14.67
CA PHE A 157 -1.73 -20.88 -14.77
C PHE A 157 -0.54 -20.35 -15.56
N ASN A 158 0.66 -20.84 -15.24
CA ASN A 158 1.81 -20.51 -16.06
C ASN A 158 1.88 -21.39 -17.33
N ARG A 159 2.96 -21.20 -18.08
CA ARG A 159 3.24 -21.81 -19.39
C ARG A 159 2.91 -23.28 -19.47
N ASP A 160 3.37 -24.03 -18.48
CA ASP A 160 3.30 -25.48 -18.53
C ASP A 160 2.29 -26.05 -17.53
N GLY A 161 1.56 -25.16 -16.87
CA GLY A 161 0.47 -25.56 -16.00
C GLY A 161 0.92 -26.02 -14.63
N SER A 162 2.22 -25.92 -14.39
CA SER A 162 2.82 -26.44 -13.17
C SER A 162 2.56 -25.51 -12.00
N LEU A 163 2.26 -24.24 -12.29
CA LEU A 163 2.05 -23.24 -11.27
C LEU A 163 0.74 -22.49 -11.48
N ILE A 164 0.15 -22.04 -10.36
CA ILE A 164 -0.98 -21.12 -10.38
C ILE A 164 -0.58 -19.86 -9.63
N VAL A 165 -0.85 -18.70 -10.21
CA VAL A 165 -0.73 -17.44 -9.45
C VAL A 165 -2.10 -16.94 -9.06
N SER A 166 -2.25 -16.47 -7.82
CA SER A 166 -3.52 -15.91 -7.38
C SER A 166 -3.28 -14.55 -6.72
N SER A 167 -4.29 -13.70 -6.76
CA SER A 167 -4.22 -12.39 -6.10
C SER A 167 -5.48 -12.17 -5.27
N SER A 168 -5.40 -11.23 -4.32
CA SER A 168 -6.55 -10.96 -3.46
C SER A 168 -6.53 -9.53 -2.95
N TYR A 169 -7.70 -9.05 -2.55
CA TYR A 169 -7.80 -7.75 -1.90
C TYR A 169 -7.01 -7.74 -0.59
N ASP A 170 -6.65 -8.92 -0.09
CA ASP A 170 -5.80 -9.02 1.10
C ASP A 170 -4.37 -8.50 0.88
N GLY A 171 -4.04 -8.14 -0.35
CA GLY A 171 -2.76 -7.51 -0.64
C GLY A 171 -1.67 -8.48 -1.11
N LEU A 172 -2.03 -9.76 -1.21
CA LEU A 172 -1.05 -10.78 -1.54
C LEU A 172 -1.20 -11.30 -2.98
N CYS A 173 -0.06 -11.57 -3.60
CA CYS A 173 0.02 -12.48 -4.74
C CYS A 173 0.60 -13.77 -4.22
N ARG A 174 -0.02 -14.90 -4.55
CA ARG A 174 0.54 -16.18 -4.14
C ARG A 174 0.70 -17.13 -5.31
N ILE A 175 1.75 -17.93 -5.25
CA ILE A 175 2.02 -18.90 -6.30
C ILE A 175 1.93 -20.31 -5.73
N TRP A 176 1.13 -21.15 -6.39
CA TRP A 176 0.78 -22.47 -5.88
C TRP A 176 1.32 -23.56 -6.79
N ASP A 177 1.79 -24.66 -6.20
CA ASP A 177 2.13 -25.85 -6.98
C ASP A 177 0.85 -26.57 -7.38
N THR A 178 0.59 -26.66 -8.68
CA THR A 178 -0.67 -27.23 -9.16
C THR A 178 -0.88 -28.64 -8.61
N ALA A 179 0.19 -29.43 -8.63
CA ALA A 179 0.06 -30.86 -8.35
C ALA A 179 -0.13 -31.14 -6.87
N SER A 180 0.57 -30.40 -6.04
CA SER A 180 0.54 -30.65 -4.61
C SER A 180 -0.42 -29.75 -3.84
N GLY A 181 -0.71 -28.57 -4.39
CA GLY A 181 -1.54 -27.59 -3.70
C GLY A 181 -0.75 -26.72 -2.75
N GLN A 182 0.56 -26.93 -2.70
CA GLN A 182 1.39 -26.17 -1.77
C GLN A 182 1.59 -24.72 -2.18
N CYS A 183 1.58 -23.82 -1.19
CA CYS A 183 1.94 -22.44 -1.45
C CYS A 183 3.45 -22.37 -1.57
N LEU A 184 3.93 -22.01 -2.76
CA LEU A 184 5.36 -21.96 -3.01
C LEU A 184 5.96 -20.59 -2.77
N LYS A 185 5.16 -19.54 -2.97
CA LYS A 185 5.67 -18.19 -2.85
C LYS A 185 4.55 -17.19 -2.54
N THR A 186 4.87 -16.22 -1.69
CA THR A 186 3.99 -15.08 -1.45
C THR A 186 4.74 -13.83 -1.85
N LEU A 187 4.16 -13.02 -2.73
CA LEU A 187 4.82 -11.79 -3.18
C LEU A 187 4.10 -10.55 -2.66
N ILE A 188 4.88 -9.62 -2.14
CA ILE A 188 4.32 -8.38 -1.61
C ILE A 188 5.44 -7.32 -1.50
N ASP A 189 5.13 -6.07 -1.83
CA ASP A 189 6.12 -5.00 -1.75
C ASP A 189 6.11 -4.48 -0.31
N ASP A 190 6.75 -3.35 -0.01
CA ASP A 190 6.69 -2.91 1.40
C ASP A 190 5.39 -2.19 1.74
N ASP A 191 4.27 -2.82 1.40
CA ASP A 191 2.95 -2.23 1.63
C ASP A 191 1.90 -3.25 1.21
N ASN A 192 0.66 -3.02 1.64
CA ASN A 192 -0.41 -3.98 1.38
C ASN A 192 -1.64 -3.47 0.62
N PRO A 193 -1.45 -2.68 -0.46
CA PRO A 193 -2.68 -2.32 -1.18
C PRO A 193 -3.33 -3.56 -1.78
N PRO A 194 -4.68 -3.56 -1.90
CA PRO A 194 -5.37 -4.71 -2.49
C PRO A 194 -4.80 -5.03 -3.87
N VAL A 195 -4.60 -6.30 -4.16
CA VAL A 195 -4.13 -6.71 -5.48
C VAL A 195 -5.35 -7.08 -6.29
N SER A 196 -5.56 -6.36 -7.39
CA SER A 196 -6.80 -6.46 -8.14
C SER A 196 -6.70 -7.34 -9.37
N PHE A 197 -5.47 -7.66 -9.77
CA PHE A 197 -5.26 -8.52 -10.92
C PHE A 197 -3.86 -9.12 -10.91
N VAL A 198 -3.74 -10.34 -11.42
CA VAL A 198 -2.43 -10.93 -11.57
C VAL A 198 -2.43 -11.90 -12.76
N LYS A 199 -1.30 -11.98 -13.46
CA LYS A 199 -1.09 -13.03 -14.47
C LYS A 199 0.38 -13.23 -14.80
N PHE A 200 0.71 -14.45 -15.25
CA PHE A 200 2.07 -14.73 -15.67
C PHE A 200 2.30 -14.12 -17.04
N SER A 201 3.54 -13.71 -17.29
CA SER A 201 4.01 -13.33 -18.61
C SER A 201 3.97 -14.56 -19.51
N PRO A 202 3.98 -14.37 -20.84
CA PRO A 202 3.89 -15.53 -21.74
C PRO A 202 5.00 -16.58 -21.55
N ASN A 203 6.20 -16.14 -21.17
CA ASN A 203 7.30 -17.09 -20.92
C ASN A 203 7.32 -17.64 -19.50
N GLY A 204 6.36 -17.21 -18.68
CA GLY A 204 6.20 -17.73 -17.33
C GLY A 204 7.23 -17.23 -16.33
N LYS A 205 8.13 -16.37 -16.79
CA LYS A 205 9.20 -15.87 -15.93
C LYS A 205 8.80 -14.66 -15.10
N TYR A 206 7.78 -13.93 -15.53
CA TYR A 206 7.34 -12.74 -14.77
C TYR A 206 5.89 -12.85 -14.36
N ILE A 207 5.51 -11.97 -13.44
CA ILE A 207 4.12 -11.83 -13.07
C ILE A 207 3.75 -10.35 -13.15
N LEU A 208 2.65 -10.05 -13.83
CA LEU A 208 2.16 -8.69 -13.92
C LEU A 208 1.06 -8.59 -12.87
N ALA A 209 1.16 -7.60 -11.99
CA ALA A 209 0.19 -7.47 -10.92
C ALA A 209 -0.35 -6.06 -10.85
N ALA A 210 -1.66 -5.94 -10.77
CA ALA A 210 -2.29 -4.63 -10.57
C ALA A 210 -2.67 -4.45 -9.10
N THR A 211 -2.45 -3.25 -8.58
CA THR A 211 -2.90 -2.93 -7.22
C THR A 211 -3.78 -1.68 -7.26
N LEU A 212 -4.63 -1.51 -6.23
CA LEU A 212 -5.64 -0.46 -6.24
C LEU A 212 -5.07 0.86 -5.74
N ASP A 213 -3.82 1.11 -6.14
CA ASP A 213 -3.19 2.39 -5.92
C ASP A 213 -2.67 2.90 -7.27
N ASN A 214 -3.48 2.68 -8.31
CA ASN A 214 -3.15 3.19 -9.65
C ASN A 214 -1.83 2.68 -10.21
N THR A 215 -1.49 1.43 -9.93
CA THR A 215 -0.18 0.96 -10.29
C THR A 215 -0.22 -0.46 -10.81
N LEU A 216 0.54 -0.72 -11.88
CA LEU A 216 0.81 -2.08 -12.35
C LEU A 216 2.29 -2.35 -12.10
N LYS A 217 2.63 -3.58 -11.74
CA LYS A 217 4.02 -3.93 -11.46
C LYS A 217 4.40 -5.23 -12.16
N LEU A 218 5.61 -5.25 -12.72
CA LEU A 218 6.15 -6.46 -13.33
C LEU A 218 7.12 -7.08 -12.34
N TRP A 219 6.81 -8.30 -11.89
CA TRP A 219 7.62 -8.99 -10.90
C TRP A 219 8.43 -10.10 -11.54
N ASP A 220 9.69 -10.23 -11.17
CA ASP A 220 10.44 -11.42 -11.52
C ASP A 220 10.02 -12.51 -10.52
N TYR A 221 9.40 -13.58 -11.02
CA TYR A 221 8.89 -14.63 -10.14
C TYR A 221 9.99 -15.33 -9.36
N SER A 222 10.98 -15.87 -10.07
CA SER A 222 12.02 -16.66 -9.42
C SER A 222 12.79 -15.84 -8.38
N LYS A 223 13.08 -14.58 -8.70
CA LYS A 223 13.85 -13.74 -7.79
C LYS A 223 12.96 -13.03 -6.77
N GLY A 224 11.65 -13.00 -7.04
CA GLY A 224 10.69 -12.43 -6.11
C GLY A 224 10.82 -10.93 -5.92
N LYS A 225 11.21 -10.22 -6.97
CA LYS A 225 11.35 -8.76 -6.84
C LYS A 225 10.61 -8.00 -7.94
N CYS A 226 10.16 -6.80 -7.60
CA CYS A 226 9.51 -5.93 -8.58
C CYS A 226 10.55 -5.29 -9.49
N LEU A 227 10.38 -5.43 -10.80
CA LEU A 227 11.33 -4.93 -11.79
C LEU A 227 10.88 -3.63 -12.43
N LYS A 228 9.60 -3.57 -12.80
CA LYS A 228 9.06 -2.43 -13.55
C LYS A 228 7.76 -1.97 -12.91
N THR A 229 7.44 -0.71 -13.12
CA THR A 229 6.23 -0.12 -12.54
C THR A 229 5.58 0.73 -13.63
N TYR A 230 4.26 0.59 -13.81
CA TYR A 230 3.53 1.34 -14.84
C TYR A 230 2.45 2.15 -14.15
N THR A 231 2.42 3.45 -14.44
CA THR A 231 1.53 4.36 -13.71
C THR A 231 0.95 5.40 -14.66
N GLY A 232 0.07 6.25 -14.13
CA GLY A 232 -0.51 7.35 -14.90
C GLY A 232 -2.01 7.19 -15.10
N HIS A 233 -2.49 5.97 -14.92
CA HIS A 233 -3.91 5.68 -15.09
C HIS A 233 -4.67 5.76 -13.77
N LYS A 234 -5.95 5.43 -13.79
CA LYS A 234 -6.76 5.45 -12.58
C LYS A 234 -7.28 4.07 -12.27
N ASN A 235 -6.83 3.53 -11.13
CA ASN A 235 -7.31 2.22 -10.71
C ASN A 235 -7.31 2.18 -9.20
N GLU A 236 -8.44 2.54 -8.60
CA GLU A 236 -8.59 2.61 -7.15
C GLU A 236 -9.67 1.68 -6.61
N LYS A 237 -10.53 1.16 -7.48
CA LYS A 237 -11.78 0.54 -7.03
C LYS A 237 -12.09 -0.84 -7.63
N TYR A 238 -11.75 -1.03 -8.90
CA TYR A 238 -12.21 -2.21 -9.63
C TYR A 238 -11.09 -3.15 -10.01
N CYS A 239 -11.46 -4.42 -10.20
CA CYS A 239 -10.51 -5.44 -10.64
C CYS A 239 -10.43 -5.47 -12.15
N ILE A 240 -9.49 -4.72 -12.68
CA ILE A 240 -9.35 -4.50 -14.11
C ILE A 240 -8.28 -5.41 -14.71
N PHE A 241 -8.62 -6.10 -15.79
CA PHE A 241 -7.69 -7.00 -16.45
C PHE A 241 -6.54 -6.24 -17.10
N ALA A 242 -5.34 -6.83 -17.12
CA ALA A 242 -4.21 -6.24 -17.84
C ALA A 242 -3.58 -7.33 -18.67
N ASN A 243 -2.74 -6.93 -19.63
CA ASN A 243 -2.25 -7.87 -20.62
C ASN A 243 -0.83 -7.61 -21.07
N PHE A 244 -0.15 -8.67 -21.50
CA PHE A 244 1.07 -8.55 -22.28
C PHE A 244 0.68 -8.60 -23.75
N SER A 245 0.94 -7.52 -24.49
CA SER A 245 0.69 -7.53 -25.94
C SER A 245 2.01 -7.85 -26.64
N VAL A 246 1.99 -8.88 -27.48
CA VAL A 246 3.23 -9.44 -28.01
C VAL A 246 3.23 -9.63 -29.52
N THR A 247 2.08 -9.46 -30.16
CA THR A 247 1.94 -9.72 -31.60
C THR A 247 2.67 -8.70 -32.46
N GLY A 248 2.91 -7.51 -31.89
CA GLY A 248 3.66 -6.46 -32.54
C GLY A 248 4.76 -5.98 -31.61
N GLY A 249 4.74 -4.70 -31.26
CA GLY A 249 5.64 -4.18 -30.25
C GLY A 249 5.27 -4.76 -28.89
N LYS A 250 6.18 -4.66 -27.93
CA LYS A 250 5.98 -5.30 -26.64
C LYS A 250 5.35 -4.31 -25.68
N TRP A 251 4.04 -4.41 -25.48
CA TRP A 251 3.33 -3.44 -24.65
C TRP A 251 2.71 -4.09 -23.42
N ILE A 252 2.35 -3.24 -22.46
CA ILE A 252 1.44 -3.60 -21.37
C ILE A 252 0.12 -2.90 -21.67
N VAL A 253 -0.99 -3.62 -21.58
CA VAL A 253 -2.30 -3.03 -21.90
C VAL A 253 -3.23 -3.18 -20.69
N SER A 254 -3.94 -2.11 -20.34
CA SER A 254 -4.88 -2.18 -19.22
C SER A 254 -6.06 -1.25 -19.42
N GLY A 255 -7.19 -1.60 -18.81
CA GLY A 255 -8.29 -0.65 -18.68
C GLY A 255 -8.00 0.35 -17.57
N SER A 256 -8.88 1.32 -17.39
CA SER A 256 -8.68 2.37 -16.38
C SER A 256 -10.05 2.91 -16.01
N GLU A 257 -10.16 3.48 -14.81
CA GLU A 257 -11.43 3.95 -14.31
C GLU A 257 -11.77 5.36 -14.83
N ASP A 258 -10.91 5.90 -15.69
CA ASP A 258 -11.20 7.16 -16.36
C ASP A 258 -11.74 6.94 -17.79
N ASN A 259 -12.15 5.70 -18.05
CA ASN A 259 -12.84 5.27 -19.27
C ASN A 259 -11.93 5.07 -20.48
N LEU A 260 -10.62 5.05 -20.23
CA LEU A 260 -9.63 4.87 -21.29
C LEU A 260 -8.98 3.50 -21.25
N VAL A 261 -8.49 3.04 -22.39
CA VAL A 261 -7.55 1.92 -22.46
C VAL A 261 -6.17 2.53 -22.46
N TYR A 262 -5.31 2.10 -21.54
CA TYR A 262 -3.93 2.58 -21.52
C TYR A 262 -2.96 1.55 -22.10
N ILE A 263 -1.99 2.03 -22.87
CA ILE A 263 -0.95 1.17 -23.41
C ILE A 263 0.42 1.73 -23.02
N TRP A 264 1.24 0.90 -22.38
CA TRP A 264 2.60 1.30 -22.00
C TRP A 264 3.63 0.50 -22.80
N ASN A 265 4.79 1.11 -23.00
CA ASN A 265 5.97 0.41 -23.51
C ASN A 265 6.50 -0.42 -22.35
N LEU A 266 6.60 -1.74 -22.54
CA LEU A 266 6.94 -2.63 -21.44
C LEU A 266 8.30 -2.27 -20.87
N GLN A 267 9.25 -2.02 -21.76
CA GLN A 267 10.62 -1.80 -21.35
C GLN A 267 10.84 -0.43 -20.71
N THR A 268 10.31 0.61 -21.35
CA THR A 268 10.57 1.98 -20.91
C THR A 268 9.57 2.49 -19.88
N LYS A 269 8.44 1.80 -19.76
CA LYS A 269 7.37 2.12 -18.81
C LYS A 269 6.61 3.41 -19.15
N GLU A 270 6.87 3.97 -20.33
CA GLU A 270 6.16 5.17 -20.76
C GLU A 270 4.80 4.82 -21.38
N ILE A 271 3.79 5.64 -21.10
CA ILE A 271 2.52 5.51 -21.80
C ILE A 271 2.71 5.84 -23.27
N VAL A 272 2.26 4.96 -24.15
CA VAL A 272 2.41 5.19 -25.59
C VAL A 272 1.08 5.43 -26.33
N GLN A 273 -0.01 4.99 -25.71
CA GLN A 273 -1.34 5.29 -26.26
C GLN A 273 -2.42 5.27 -25.19
N LYS A 274 -3.44 6.12 -25.38
CA LYS A 274 -4.64 6.08 -24.56
C LYS A 274 -5.84 6.04 -25.49
N LEU A 275 -6.59 4.95 -25.46
CA LEU A 275 -7.66 4.77 -26.42
C LEU A 275 -8.94 5.36 -25.85
N GLN A 276 -9.47 6.38 -26.53
CA GLN A 276 -10.71 7.01 -26.09
C GLN A 276 -11.94 6.55 -26.87
N GLY A 277 -13.04 6.41 -26.16
CA GLY A 277 -14.29 6.04 -26.80
C GLY A 277 -15.31 5.50 -25.83
N HIS A 278 -14.86 4.76 -24.81
CA HIS A 278 -15.79 4.24 -23.81
C HIS A 278 -16.35 5.37 -22.92
N THR A 279 -17.51 5.12 -22.32
CA THR A 279 -18.17 6.15 -21.51
C THR A 279 -18.31 5.73 -20.04
N ASP A 280 -17.74 4.58 -19.69
CA ASP A 280 -17.68 4.13 -18.30
C ASP A 280 -16.35 3.37 -18.12
N VAL A 281 -16.08 2.96 -16.89
CA VAL A 281 -14.83 2.27 -16.55
C VAL A 281 -14.52 1.13 -17.52
N VAL A 282 -13.29 1.07 -18.01
CA VAL A 282 -12.89 -0.07 -18.84
C VAL A 282 -12.38 -1.16 -17.92
N ILE A 283 -13.24 -2.15 -17.69
CA ILE A 283 -12.98 -3.21 -16.72
C ILE A 283 -12.11 -4.31 -17.29
N SER A 284 -12.12 -4.46 -18.61
CA SER A 284 -11.44 -5.61 -19.22
C SER A 284 -10.82 -5.21 -20.55
N THR A 285 -9.60 -5.69 -20.78
CA THR A 285 -8.96 -5.64 -22.08
C THR A 285 -8.41 -7.03 -22.39
N ALA A 286 -8.33 -7.35 -23.69
CA ALA A 286 -7.76 -8.62 -24.12
C ALA A 286 -6.97 -8.37 -25.40
N CYS A 287 -5.93 -9.16 -25.61
CA CYS A 287 -5.11 -9.05 -26.81
C CYS A 287 -5.23 -10.30 -27.71
N HIS A 288 -5.44 -10.08 -29.00
CA HIS A 288 -5.61 -11.17 -29.96
C HIS A 288 -4.33 -12.01 -30.02
N PRO A 289 -4.46 -13.34 -30.19
CA PRO A 289 -3.25 -14.16 -30.07
C PRO A 289 -2.26 -14.02 -31.23
N THR A 290 -2.73 -13.61 -32.41
CA THR A 290 -1.85 -13.53 -33.58
C THR A 290 -1.84 -12.17 -34.28
N GLU A 291 -2.94 -11.43 -34.16
CA GLU A 291 -3.05 -10.13 -34.80
C GLU A 291 -3.05 -9.01 -33.79
N ASN A 292 -2.65 -7.81 -34.21
CA ASN A 292 -2.70 -6.65 -33.33
C ASN A 292 -4.13 -6.15 -33.19
N ILE A 293 -4.91 -6.82 -32.35
CA ILE A 293 -6.29 -6.45 -32.10
C ILE A 293 -6.49 -6.47 -30.59
N ILE A 294 -7.06 -5.39 -30.06
CA ILE A 294 -7.37 -5.28 -28.63
C ILE A 294 -8.88 -5.20 -28.50
N ALA A 295 -9.44 -6.00 -27.59
CA ALA A 295 -10.84 -5.88 -27.22
C ALA A 295 -10.90 -5.21 -25.86
N SER A 296 -11.84 -4.29 -25.69
CA SER A 296 -12.02 -3.62 -24.41
C SER A 296 -13.50 -3.67 -24.04
N ALA A 297 -13.81 -3.66 -22.75
CA ALA A 297 -15.20 -3.78 -22.34
C ALA A 297 -15.44 -2.86 -21.16
N ALA A 298 -16.63 -2.29 -21.09
CA ALA A 298 -16.89 -1.29 -20.05
C ALA A 298 -18.09 -1.63 -19.15
N LEU A 299 -18.18 -0.91 -18.03
CA LEU A 299 -19.22 -1.14 -17.05
C LEU A 299 -20.60 -0.59 -17.46
N GLU A 300 -21.52 -0.55 -16.49
CA GLU A 300 -22.95 -0.41 -16.75
C GLU A 300 -23.43 0.83 -17.50
N ASN A 301 -22.76 1.97 -17.32
CA ASN A 301 -23.19 3.16 -18.04
C ASN A 301 -22.82 3.12 -19.53
N ASP A 302 -21.99 2.14 -19.89
CA ASP A 302 -21.48 2.00 -21.26
C ASP A 302 -22.07 0.76 -21.95
N LYS A 303 -21.81 -0.42 -21.38
CA LYS A 303 -22.33 -1.71 -21.86
C LYS A 303 -21.73 -2.23 -23.18
N THR A 304 -20.78 -1.51 -23.77
CA THR A 304 -20.23 -1.93 -25.06
C THR A 304 -18.85 -2.58 -24.98
N ILE A 305 -18.56 -3.34 -26.03
CA ILE A 305 -17.23 -3.86 -26.25
C ILE A 305 -16.69 -3.16 -27.47
N LYS A 306 -15.41 -2.82 -27.45
CA LYS A 306 -14.79 -2.20 -28.60
C LYS A 306 -13.61 -3.02 -29.09
N LEU A 307 -13.52 -3.18 -30.41
CA LEU A 307 -12.34 -3.79 -31.03
C LEU A 307 -11.49 -2.70 -31.65
N TRP A 308 -10.20 -2.68 -31.29
CA TRP A 308 -9.24 -1.68 -31.77
C TRP A 308 -8.16 -2.40 -32.55
N LYS A 309 -7.73 -1.85 -33.68
CA LYS A 309 -6.71 -2.53 -34.48
C LYS A 309 -5.54 -1.62 -34.80
N SER A 310 -4.34 -2.20 -34.88
CA SER A 310 -3.09 -1.45 -35.07
C SER A 310 -2.16 -2.13 -36.08
N ASP A 311 -1.25 -1.36 -36.66
CA ASP A 311 -0.28 -1.91 -37.61
C ASP A 311 0.97 -2.45 -36.92
N CYS A 312 1.12 -2.13 -35.64
CA CYS A 312 2.25 -2.64 -34.87
C CYS A 312 1.88 -2.76 -33.38
N VAL B 9 -14.70 -27.40 28.80
CA VAL B 9 -14.83 -26.11 28.12
C VAL B 9 -13.62 -25.83 27.22
N LYS B 10 -13.87 -25.39 25.99
CA LYS B 10 -12.82 -25.19 25.00
C LYS B 10 -12.85 -23.76 24.46
N PRO B 11 -11.69 -23.27 23.99
CA PRO B 11 -11.71 -21.91 23.44
C PRO B 11 -12.31 -21.95 22.05
N ASN B 12 -12.66 -20.79 21.51
CA ASN B 12 -13.18 -20.68 20.16
C ASN B 12 -12.45 -19.63 19.34
N TYR B 13 -11.13 -19.74 19.30
CA TYR B 13 -10.35 -18.79 18.52
C TYR B 13 -10.75 -18.81 17.05
N ALA B 14 -11.01 -17.62 16.52
CA ALA B 14 -11.34 -17.47 15.10
C ALA B 14 -10.51 -16.34 14.52
N LEU B 15 -10.20 -16.46 13.24
CA LEU B 15 -9.33 -15.48 12.58
C LEU B 15 -10.02 -14.13 12.46
N LYS B 16 -9.35 -13.06 12.88
CA LYS B 16 -9.92 -11.72 12.79
C LYS B 16 -9.18 -10.84 11.79
N PHE B 17 -7.86 -10.87 11.83
CA PHE B 17 -7.05 -10.02 10.97
C PHE B 17 -5.87 -10.78 10.45
N THR B 18 -5.43 -10.39 9.25
CA THR B 18 -4.19 -10.90 8.69
C THR B 18 -3.30 -9.71 8.42
N LEU B 19 -2.12 -9.73 9.01
CA LEU B 19 -1.21 -8.60 8.94
C LEU B 19 -0.15 -8.87 7.88
N ALA B 20 -0.25 -8.15 6.77
CA ALA B 20 0.68 -8.35 5.67
C ALA B 20 1.57 -7.14 5.50
N GLY B 21 2.84 -7.38 5.19
CA GLY B 21 3.78 -6.29 4.99
C GLY B 21 5.20 -6.75 4.91
N HIS B 22 5.56 -7.71 5.76
CA HIS B 22 6.90 -8.30 5.72
C HIS B 22 7.15 -8.98 4.38
N THR B 23 8.40 -8.92 3.90
CA THR B 23 8.73 -9.43 2.57
C THR B 23 9.53 -10.72 2.62
N LYS B 24 9.80 -11.20 3.84
CA LYS B 24 10.42 -12.52 4.03
C LYS B 24 9.78 -13.19 5.23
N ALA B 25 10.30 -14.35 5.65
CA ALA B 25 9.74 -15.04 6.80
C ALA B 25 9.60 -14.09 7.99
N VAL B 26 8.49 -14.23 8.72
CA VAL B 26 8.36 -13.57 10.01
C VAL B 26 8.93 -14.55 11.02
N SER B 27 9.77 -14.09 11.94
CA SER B 27 10.43 -15.00 12.87
C SER B 27 9.82 -15.00 14.29
N SER B 28 9.25 -13.89 14.73
CA SER B 28 8.76 -13.84 16.10
C SER B 28 7.71 -12.73 16.21
N VAL B 29 6.65 -12.98 16.96
CA VAL B 29 5.70 -11.93 17.33
C VAL B 29 5.55 -11.90 18.84
N LYS B 30 5.39 -10.69 19.37
CA LYS B 30 5.24 -10.48 20.82
C LYS B 30 4.29 -9.32 21.06
N PHE B 31 3.37 -9.49 22.00
CA PHE B 31 2.52 -8.37 22.42
C PHE B 31 3.21 -7.50 23.46
N SER B 32 3.03 -6.20 23.38
CA SER B 32 3.54 -5.30 24.41
C SER B 32 2.84 -5.60 25.73
N PRO B 33 3.54 -5.44 26.86
CA PRO B 33 2.92 -5.75 28.15
C PRO B 33 1.70 -4.87 28.44
N ASN B 34 1.65 -3.68 27.87
CA ASN B 34 0.49 -2.79 28.03
C ASN B 34 -0.69 -3.14 27.13
N GLY B 35 -0.50 -4.13 26.26
CA GLY B 35 -1.58 -4.65 25.43
C GLY B 35 -1.88 -3.83 24.19
N GLU B 36 -1.20 -2.71 24.00
CA GLU B 36 -1.52 -1.81 22.89
C GLU B 36 -0.96 -2.29 21.55
N TRP B 37 0.19 -2.96 21.56
CA TRP B 37 0.90 -3.25 20.32
C TRP B 37 1.29 -4.72 20.14
N LEU B 38 1.51 -5.08 18.88
CA LEU B 38 2.22 -6.32 18.57
C LEU B 38 3.49 -5.92 17.83
N ALA B 39 4.63 -6.47 18.24
CA ALA B 39 5.86 -6.29 17.47
C ALA B 39 6.14 -7.58 16.72
N SER B 40 6.64 -7.45 15.50
CA SER B 40 7.03 -8.62 14.73
C SER B 40 8.44 -8.40 14.21
N SER B 41 9.21 -9.48 14.15
CA SER B 41 10.54 -9.40 13.58
C SER B 41 10.57 -10.33 12.39
N SER B 42 11.47 -10.03 11.45
CA SER B 42 11.48 -10.78 10.20
C SER B 42 12.87 -10.96 9.60
N ALA B 43 12.97 -11.97 8.75
CA ALA B 43 14.15 -12.20 7.94
C ALA B 43 14.41 -11.05 6.98
N ASP B 44 13.41 -10.17 6.79
CA ASP B 44 13.58 -9.01 5.92
C ASP B 44 14.36 -7.86 6.58
N LYS B 45 14.92 -8.13 7.76
CA LYS B 45 15.73 -7.17 8.53
C LYS B 45 14.92 -6.11 9.28
N LEU B 46 13.60 -6.21 9.25
CA LEU B 46 12.75 -5.15 9.79
C LEU B 46 11.99 -5.61 11.02
N ILE B 47 11.67 -4.65 11.89
CA ILE B 47 10.69 -4.86 12.93
C ILE B 47 9.48 -4.04 12.53
N LYS B 48 8.29 -4.61 12.69
CA LYS B 48 7.08 -3.85 12.42
C LYS B 48 6.21 -3.81 13.66
N ILE B 49 5.52 -2.68 13.84
CA ILE B 49 4.62 -2.51 14.97
C ILE B 49 3.20 -2.41 14.41
N TRP B 50 2.27 -3.12 15.06
CA TRP B 50 0.90 -3.21 14.59
C TRP B 50 -0.01 -2.98 15.79
N GLY B 51 -1.19 -2.41 15.55
CA GLY B 51 -2.16 -2.27 16.63
C GLY B 51 -2.61 -3.65 17.07
N ALA B 52 -2.65 -3.89 18.37
CA ALA B 52 -3.00 -5.20 18.90
C ALA B 52 -4.49 -5.54 18.72
N TYR B 53 -5.32 -4.51 18.62
CA TYR B 53 -6.75 -4.70 18.59
C TYR B 53 -7.31 -4.64 17.17
N ASP B 54 -6.74 -3.78 16.33
CA ASP B 54 -7.29 -3.59 14.98
C ASP B 54 -6.36 -4.14 13.91
N GLY B 55 -5.20 -4.61 14.31
CA GLY B 55 -4.23 -5.14 13.37
C GLY B 55 -3.65 -4.08 12.46
N LYS B 56 -3.87 -2.81 12.79
CA LYS B 56 -3.47 -1.71 11.93
C LYS B 56 -1.96 -1.48 11.96
N PHE B 57 -1.33 -1.51 10.80
CA PHE B 57 0.10 -1.20 10.72
C PHE B 57 0.41 0.16 11.32
N GLU B 58 1.38 0.19 12.23
CA GLU B 58 1.77 1.42 12.90
C GLU B 58 3.07 1.99 12.36
N LYS B 59 4.14 1.18 12.37
CA LYS B 59 5.44 1.68 11.92
C LYS B 59 6.42 0.57 11.60
N THR B 60 7.41 0.89 10.77
CA THR B 60 8.52 -0.01 10.49
C THR B 60 9.76 0.50 11.23
N ILE B 61 10.49 -0.43 11.83
CA ILE B 61 11.71 -0.10 12.57
C ILE B 61 12.86 -0.82 11.86
N SER B 62 13.87 -0.06 11.46
CA SER B 62 14.93 -0.60 10.59
C SER B 62 16.31 -0.19 11.09
N GLY B 63 17.33 -0.95 10.69
CA GLY B 63 18.67 -0.69 11.19
C GLY B 63 19.58 -1.90 11.17
N HIS B 64 19.01 -3.09 11.43
CA HIS B 64 19.81 -4.30 11.35
C HIS B 64 20.29 -4.50 9.92
N LYS B 65 21.49 -5.06 9.76
CA LYS B 65 22.06 -5.25 8.44
C LYS B 65 21.71 -6.61 7.87
N LEU B 66 21.18 -7.49 8.72
CA LEU B 66 20.75 -8.82 8.29
C LEU B 66 19.43 -9.17 8.97
N GLY B 67 18.85 -10.32 8.62
CA GLY B 67 17.58 -10.74 9.19
C GLY B 67 17.57 -10.89 10.71
N ILE B 68 16.37 -10.90 11.27
CA ILE B 68 16.17 -10.89 12.72
C ILE B 68 15.41 -12.14 13.13
N SER B 69 15.88 -12.83 14.17
CA SER B 69 15.24 -14.07 14.66
C SER B 69 14.33 -13.90 15.90
N ASP B 70 14.40 -12.77 16.58
CA ASP B 70 13.62 -12.59 17.80
C ASP B 70 13.47 -11.12 18.17
N VAL B 71 12.40 -10.80 18.87
CA VAL B 71 12.18 -9.45 19.39
C VAL B 71 11.54 -9.60 20.78
N ALA B 72 11.74 -8.65 21.67
CA ALA B 72 11.11 -8.73 22.99
C ALA B 72 10.88 -7.33 23.56
N TRP B 73 9.87 -7.20 24.42
CA TRP B 73 9.48 -5.91 24.97
C TRP B 73 10.00 -5.67 26.39
N SER B 74 10.30 -4.42 26.70
CA SER B 74 10.56 -4.02 28.09
C SER B 74 9.22 -4.02 28.83
N SER B 75 9.27 -4.06 30.16
CA SER B 75 8.05 -4.18 30.95
C SER B 75 7.14 -2.95 30.87
N ASP B 76 7.72 -1.77 30.58
CA ASP B 76 6.91 -0.56 30.39
C ASP B 76 6.50 -0.31 28.94
N SER B 77 6.70 -1.31 28.08
CA SER B 77 6.35 -1.22 26.66
C SER B 77 7.05 -0.10 25.88
N ASN B 78 8.06 0.53 26.45
CA ASN B 78 8.75 1.63 25.78
C ASN B 78 9.89 1.21 24.87
N LEU B 79 10.48 0.04 25.16
CA LEU B 79 11.64 -0.46 24.44
C LEU B 79 11.41 -1.83 23.81
N LEU B 80 12.10 -2.09 22.71
CA LEU B 80 12.20 -3.44 22.15
C LEU B 80 13.66 -3.80 22.04
N VAL B 81 13.97 -5.08 22.16
CA VAL B 81 15.29 -5.55 21.81
C VAL B 81 15.08 -6.62 20.73
N SER B 82 15.99 -6.64 19.75
CA SER B 82 15.91 -7.56 18.63
C SER B 82 17.21 -8.34 18.54
N ALA B 83 17.12 -9.57 18.06
CA ALA B 83 18.29 -10.44 17.92
C ALA B 83 18.49 -10.80 16.46
N SER B 84 19.68 -10.48 15.92
CA SER B 84 19.89 -10.56 14.47
C SER B 84 21.02 -11.49 14.02
N ASP B 85 20.92 -11.92 12.77
CA ASP B 85 21.99 -12.65 12.10
C ASP B 85 23.25 -11.78 11.96
N ASP B 86 23.11 -10.47 12.11
CA ASP B 86 24.25 -9.56 11.98
C ASP B 86 25.16 -9.56 13.22
N LYS B 87 24.88 -10.51 14.13
CA LYS B 87 25.65 -10.74 15.36
C LYS B 87 25.40 -9.73 16.49
N THR B 88 24.44 -8.83 16.28
CA THR B 88 24.15 -7.83 17.30
C THR B 88 22.72 -7.98 17.81
N LEU B 89 22.48 -7.37 18.97
CA LEU B 89 21.13 -7.08 19.39
C LEU B 89 21.01 -5.56 19.29
N LYS B 90 19.82 -5.06 19.05
CA LYS B 90 19.62 -3.62 19.12
C LYS B 90 18.48 -3.33 20.07
N ILE B 91 18.65 -2.29 20.88
CA ILE B 91 17.60 -1.78 21.75
C ILE B 91 16.94 -0.59 21.06
N TRP B 92 15.62 -0.62 20.97
CA TRP B 92 14.90 0.38 20.20
C TRP B 92 13.95 1.15 21.08
N ASP B 93 13.92 2.47 20.89
CA ASP B 93 12.87 3.27 21.47
C ASP B 93 11.67 3.16 20.55
N VAL B 94 10.62 2.51 21.02
CA VAL B 94 9.45 2.23 20.16
C VAL B 94 8.78 3.48 19.60
N SER B 95 8.57 4.50 20.43
CA SER B 95 7.85 5.68 19.97
C SER B 95 8.55 6.39 18.81
N SER B 96 9.88 6.46 18.87
CA SER B 96 10.65 7.15 17.85
C SER B 96 11.17 6.20 16.77
N GLY B 97 11.20 4.91 17.08
CA GLY B 97 11.75 3.92 16.17
C GLY B 97 13.28 3.97 16.11
N LYS B 98 13.89 4.76 16.99
CA LYS B 98 15.34 4.92 16.96
C LYS B 98 16.10 3.84 17.71
N CYS B 99 17.25 3.47 17.18
CA CYS B 99 18.14 2.52 17.83
C CYS B 99 18.89 3.23 18.95
N LEU B 100 18.61 2.84 20.19
CA LEU B 100 19.27 3.45 21.35
C LEU B 100 20.65 2.88 21.55
N LYS B 101 20.75 1.56 21.49
CA LYS B 101 22.01 0.87 21.71
C LYS B 101 22.12 -0.29 20.75
N THR B 102 23.35 -0.58 20.32
CA THR B 102 23.62 -1.82 19.59
C THR B 102 24.50 -2.67 20.50
N LEU B 103 23.98 -3.83 20.90
CA LEU B 103 24.70 -4.71 21.82
C LEU B 103 25.61 -5.64 21.04
N LYS B 104 26.91 -5.41 21.16
CA LYS B 104 27.88 -6.14 20.35
C LYS B 104 28.72 -7.04 21.25
N GLY B 105 29.12 -8.19 20.73
CA GLY B 105 29.89 -9.14 21.53
C GLY B 105 29.74 -10.57 21.06
N HIS B 106 28.53 -10.95 20.65
CA HIS B 106 28.34 -12.29 20.11
C HIS B 106 29.16 -12.46 18.84
N SER B 107 29.60 -13.69 18.58
CA SER B 107 30.47 -13.97 17.43
C SER B 107 29.76 -14.78 16.34
N ASN B 108 28.45 -14.93 16.49
CA ASN B 108 27.65 -15.63 15.49
C ASN B 108 26.20 -15.12 15.61
N TYR B 109 25.27 -15.67 14.83
CA TYR B 109 23.89 -15.16 14.84
C TYR B 109 23.33 -15.07 16.25
N VAL B 110 22.63 -13.98 16.56
CA VAL B 110 21.90 -13.91 17.83
C VAL B 110 20.51 -14.45 17.54
N PHE B 111 20.07 -15.39 18.36
CA PHE B 111 18.90 -16.21 18.06
C PHE B 111 17.69 -15.83 18.91
N CYS B 112 17.92 -15.46 20.16
CA CYS B 112 16.83 -15.25 21.11
C CYS B 112 17.17 -14.15 22.10
N CYS B 113 16.15 -13.53 22.67
CA CYS B 113 16.39 -12.42 23.58
C CYS B 113 15.17 -12.16 24.47
N ASN B 114 15.40 -11.54 25.61
CA ASN B 114 14.33 -11.18 26.54
C ASN B 114 14.83 -10.14 27.56
N PHE B 115 13.95 -9.22 27.95
CA PHE B 115 14.22 -8.37 29.12
C PHE B 115 13.87 -9.13 30.40
N ASN B 116 14.51 -8.78 31.51
CA ASN B 116 14.02 -9.24 32.81
C ASN B 116 12.80 -8.40 33.22
N PRO B 117 12.06 -8.83 34.26
CA PRO B 117 10.84 -8.07 34.61
C PRO B 117 11.12 -6.61 34.95
N GLN B 118 12.22 -6.37 35.67
CA GLN B 118 12.61 -5.02 36.06
C GLN B 118 13.01 -4.22 34.83
N SER B 119 13.43 -4.95 33.80
CA SER B 119 13.84 -4.40 32.52
C SER B 119 15.13 -3.57 32.57
N ASN B 120 15.94 -3.82 33.61
CA ASN B 120 17.28 -3.27 33.66
C ASN B 120 18.29 -4.20 32.99
N LEU B 121 17.87 -5.43 32.70
CA LEU B 121 18.74 -6.41 32.05
C LEU B 121 18.11 -7.01 30.79
N ILE B 122 18.96 -7.36 29.83
CA ILE B 122 18.58 -8.20 28.68
C ILE B 122 19.39 -9.50 28.68
N VAL B 123 18.73 -10.61 28.38
CA VAL B 123 19.45 -11.86 28.18
C VAL B 123 19.35 -12.28 26.71
N SER B 124 20.44 -12.81 26.16
CA SER B 124 20.47 -13.21 24.76
C SER B 124 21.12 -14.58 24.61
N GLY B 125 20.74 -15.30 23.56
CA GLY B 125 21.32 -16.59 23.25
C GLY B 125 21.76 -16.58 21.80
N SER B 126 22.84 -17.30 21.50
CA SER B 126 23.43 -17.17 20.17
C SER B 126 23.92 -18.49 19.60
N PHE B 127 24.14 -18.49 18.29
CA PHE B 127 24.75 -19.62 17.61
C PHE B 127 26.20 -19.79 18.09
N ASP B 128 26.72 -18.79 18.81
CA ASP B 128 28.06 -18.92 19.38
C ASP B 128 28.07 -19.77 20.66
N GLU B 129 26.90 -20.31 21.00
CA GLU B 129 26.69 -21.26 22.10
C GLU B 129 26.72 -20.64 23.49
N SER B 130 26.79 -19.31 23.55
CA SER B 130 26.80 -18.63 24.82
C SER B 130 25.45 -17.97 25.12
N VAL B 131 25.23 -17.67 26.40
CA VAL B 131 24.16 -16.79 26.84
C VAL B 131 24.84 -15.52 27.37
N ARG B 132 24.38 -14.34 26.96
CA ARG B 132 24.95 -13.09 27.48
C ARG B 132 23.89 -12.31 28.25
N ILE B 133 24.35 -11.58 29.27
CA ILE B 133 23.47 -10.74 30.07
C ILE B 133 23.98 -9.31 29.93
N TRP B 134 23.09 -8.42 29.51
CA TRP B 134 23.48 -7.04 29.14
C TRP B 134 22.83 -6.05 30.07
N ASP B 135 23.56 -4.97 30.38
CA ASP B 135 22.98 -3.85 31.12
C ASP B 135 22.24 -2.95 30.14
N VAL B 136 20.95 -2.74 30.38
CA VAL B 136 20.11 -1.98 29.45
C VAL B 136 20.56 -0.51 29.44
N LYS B 137 20.93 -0.01 30.61
CA LYS B 137 21.23 1.40 30.76
C LYS B 137 22.54 1.81 30.05
N THR B 138 23.53 0.92 30.09
CA THR B 138 24.87 1.24 29.61
C THR B 138 25.21 0.48 28.32
N GLY B 139 24.45 -0.57 28.03
CA GLY B 139 24.71 -1.39 26.86
C GLY B 139 25.88 -2.32 27.04
N LYS B 140 26.45 -2.34 28.25
CA LYS B 140 27.61 -3.17 28.51
C LYS B 140 27.19 -4.61 28.81
N CYS B 141 28.00 -5.56 28.36
CA CYS B 141 27.73 -6.97 28.66
C CYS B 141 28.26 -7.29 30.06
N LEU B 142 27.37 -7.72 30.94
CA LEU B 142 27.74 -7.99 32.32
C LEU B 142 28.34 -9.38 32.47
N LYS B 143 27.75 -10.35 31.79
CA LYS B 143 28.22 -11.72 31.89
C LYS B 143 28.16 -12.42 30.54
N THR B 144 29.15 -13.27 30.28
CA THR B 144 29.09 -14.20 29.17
C THR B 144 29.07 -15.58 29.79
N LEU B 145 27.96 -16.30 29.65
CA LEU B 145 27.86 -17.64 30.22
C LEU B 145 28.19 -18.72 29.19
N PRO B 146 29.06 -19.69 29.58
CA PRO B 146 29.48 -20.82 28.74
C PRO B 146 28.40 -21.88 28.79
N ALA B 147 27.23 -21.51 28.29
CA ALA B 147 25.98 -22.19 28.60
C ALA B 147 25.82 -23.56 27.96
N HIS B 148 26.16 -23.66 26.68
CA HIS B 148 25.79 -24.84 25.92
C HIS B 148 26.87 -25.26 24.93
N SER B 149 26.69 -26.43 24.32
CA SER B 149 27.64 -26.94 23.33
C SER B 149 27.05 -26.99 21.92
N ASP B 150 25.99 -26.22 21.71
CA ASP B 150 25.32 -26.08 20.42
C ASP B 150 24.55 -24.77 20.51
N PRO B 151 24.02 -24.28 19.37
CA PRO B 151 23.30 -23.00 19.45
C PRO B 151 22.24 -22.95 20.54
N VAL B 152 22.07 -21.77 21.11
CA VAL B 152 21.11 -21.53 22.18
C VAL B 152 19.78 -21.10 21.57
N SER B 153 18.74 -21.89 21.81
CA SER B 153 17.48 -21.71 21.09
C SER B 153 16.47 -20.79 21.79
N ALA B 154 16.57 -20.66 23.10
CA ALA B 154 15.66 -19.77 23.83
C ALA B 154 16.31 -19.31 25.13
N VAL B 155 15.94 -18.12 25.59
CA VAL B 155 16.38 -17.61 26.90
C VAL B 155 15.21 -16.86 27.50
N HIS B 156 14.99 -17.02 28.80
CA HIS B 156 13.84 -16.41 29.48
C HIS B 156 14.12 -16.17 30.97
N PHE B 157 13.74 -15.01 31.49
CA PHE B 157 13.81 -14.79 32.92
C PHE B 157 12.57 -15.29 33.63
N ASN B 158 12.72 -15.70 34.89
CA ASN B 158 11.55 -16.03 35.70
C ASN B 158 10.91 -14.75 36.25
N ARG B 159 9.89 -14.94 37.08
CA ARG B 159 8.97 -13.89 37.51
C ARG B 159 9.66 -12.73 38.22
N ASP B 160 10.68 -13.03 39.02
CA ASP B 160 11.37 -11.99 39.77
C ASP B 160 12.76 -11.66 39.22
N GLY B 161 13.11 -12.26 38.09
CA GLY B 161 14.37 -11.96 37.41
C GLY B 161 15.58 -12.63 38.02
N SER B 162 15.36 -13.46 39.04
CA SER B 162 16.46 -14.07 39.77
C SER B 162 17.04 -15.26 39.02
N LEU B 163 16.26 -15.82 38.09
CA LEU B 163 16.69 -16.99 37.32
C LEU B 163 16.58 -16.74 35.82
N ILE B 164 17.45 -17.40 35.06
CA ILE B 164 17.34 -17.47 33.61
C ILE B 164 17.26 -18.93 33.20
N VAL B 165 16.32 -19.27 32.33
CA VAL B 165 16.31 -20.61 31.73
C VAL B 165 16.79 -20.51 30.28
N SER B 166 17.61 -21.47 29.86
CA SER B 166 18.10 -21.48 28.48
C SER B 166 17.92 -22.87 27.92
N SER B 167 17.81 -22.96 26.60
CA SER B 167 17.71 -24.26 25.93
C SER B 167 18.65 -24.28 24.74
N SER B 168 18.99 -25.48 24.28
CA SER B 168 19.92 -25.62 23.17
C SER B 168 19.64 -26.88 22.38
N TYR B 169 20.08 -26.87 21.12
CA TYR B 169 20.07 -28.07 20.29
C TYR B 169 20.92 -29.17 20.91
N ASP B 170 21.77 -28.81 21.87
CA ASP B 170 22.55 -29.81 22.62
C ASP B 170 21.70 -30.74 23.50
N GLY B 171 20.40 -30.46 23.58
CA GLY B 171 19.48 -31.32 24.29
C GLY B 171 19.23 -30.92 25.74
N LEU B 172 19.84 -29.81 26.16
CA LEU B 172 19.75 -29.39 27.55
C LEU B 172 18.86 -28.17 27.77
N CYS B 173 18.16 -28.16 28.88
CA CYS B 173 17.64 -26.93 29.46
C CYS B 173 18.50 -26.64 30.68
N ARG B 174 18.98 -25.40 30.80
CA ARG B 174 19.74 -25.02 31.97
C ARG B 174 19.17 -23.78 32.64
N ILE B 175 19.27 -23.76 33.96
CA ILE B 175 18.76 -22.65 34.74
C ILE B 175 19.93 -21.98 35.45
N TRP B 176 20.01 -20.66 35.30
CA TRP B 176 21.17 -19.90 35.71
C TRP B 176 20.78 -18.89 36.78
N ASP B 177 21.65 -18.71 37.77
CA ASP B 177 21.48 -17.62 38.73
C ASP B 177 21.86 -16.30 38.06
N THR B 178 20.90 -15.38 37.93
CA THR B 178 21.16 -14.12 37.21
C THR B 178 22.33 -13.37 37.85
N ALA B 179 22.36 -13.35 39.17
CA ALA B 179 23.31 -12.47 39.86
C ALA B 179 24.74 -13.01 39.82
N SER B 180 24.88 -14.32 39.99
CA SER B 180 26.20 -14.93 40.08
C SER B 180 26.68 -15.52 38.77
N GLY B 181 25.73 -15.90 37.90
CA GLY B 181 26.07 -16.54 36.64
C GLY B 181 26.22 -18.03 36.78
N GLN B 182 25.98 -18.53 37.98
CA GLN B 182 26.14 -19.97 38.23
C GLN B 182 25.07 -20.82 37.56
N CYS B 183 25.47 -21.96 37.02
CA CYS B 183 24.50 -22.92 36.54
C CYS B 183 23.90 -23.61 37.75
N LEU B 184 22.60 -23.42 37.98
CA LEU B 184 21.95 -23.99 39.14
C LEU B 184 21.35 -25.37 38.88
N LYS B 185 20.95 -25.61 37.64
CA LYS B 185 20.24 -26.84 37.33
C LYS B 185 20.33 -27.17 35.84
N THR B 186 20.46 -28.46 35.53
CA THR B 186 20.39 -28.93 34.15
C THR B 186 19.23 -29.92 34.08
N LEU B 187 18.30 -29.70 33.16
CA LEU B 187 17.14 -30.59 33.03
C LEU B 187 17.20 -31.37 31.73
N ILE B 188 16.99 -32.67 31.82
CA ILE B 188 17.01 -33.53 30.64
C ILE B 188 16.28 -34.82 30.98
N ASP B 189 15.52 -35.36 30.03
CA ASP B 189 14.90 -36.68 30.22
C ASP B 189 16.01 -37.71 29.97
N ASP B 190 15.69 -38.92 29.59
CA ASP B 190 16.80 -39.86 29.41
C ASP B 190 17.25 -39.95 27.95
N ASP B 191 17.26 -38.84 27.23
CA ASP B 191 17.22 -38.95 25.77
C ASP B 191 17.98 -37.93 24.89
N ASN B 192 17.98 -36.67 25.27
CA ASN B 192 18.80 -35.68 24.53
C ASN B 192 18.33 -35.26 23.07
N PRO B 193 17.01 -35.29 22.78
CA PRO B 193 16.67 -34.61 21.53
C PRO B 193 16.89 -33.10 21.65
N PRO B 194 17.17 -32.40 20.53
CA PRO B 194 17.40 -30.95 20.59
C PRO B 194 16.25 -30.25 21.28
N VAL B 195 16.54 -29.29 22.16
CA VAL B 195 15.50 -28.51 22.82
C VAL B 195 15.36 -27.21 22.05
N SER B 196 14.18 -26.98 21.49
CA SER B 196 13.99 -25.91 20.52
C SER B 196 13.37 -24.66 21.13
N PHE B 197 12.81 -24.82 22.33
CA PHE B 197 12.21 -23.68 23.02
C PHE B 197 12.08 -23.95 24.50
N VAL B 198 12.18 -22.89 25.30
CA VAL B 198 11.94 -23.03 26.72
C VAL B 198 11.41 -21.70 27.28
N LYS B 199 10.52 -21.80 28.26
CA LYS B 199 10.11 -20.62 29.04
C LYS B 199 9.50 -20.99 30.38
N PHE B 200 9.62 -20.07 31.35
CA PHE B 200 9.01 -20.26 32.65
C PHE B 200 7.51 -20.03 32.52
N SER B 201 6.74 -20.76 33.32
CA SER B 201 5.31 -20.49 33.53
C SER B 201 5.18 -19.14 34.23
N PRO B 202 3.99 -18.52 34.17
CA PRO B 202 3.86 -17.17 34.76
C PRO B 202 4.17 -17.13 36.26
N ASN B 203 3.93 -18.20 37.00
CA ASN B 203 4.27 -18.22 38.43
C ASN B 203 5.71 -18.64 38.73
N GLY B 204 6.49 -18.93 37.69
CA GLY B 204 7.89 -19.29 37.85
C GLY B 204 8.11 -20.68 38.39
N LYS B 205 7.02 -21.42 38.59
CA LYS B 205 7.08 -22.75 39.17
C LYS B 205 7.40 -23.84 38.15
N TYR B 206 7.00 -23.63 36.90
CA TYR B 206 7.19 -24.64 35.86
C TYR B 206 8.03 -24.11 34.74
N ILE B 207 8.51 -25.03 33.91
CA ILE B 207 9.19 -24.66 32.68
C ILE B 207 8.54 -25.44 31.54
N LEU B 208 8.18 -24.74 30.47
CA LEU B 208 7.60 -25.40 29.31
C LEU B 208 8.74 -25.54 28.32
N ALA B 209 8.97 -26.75 27.83
CA ALA B 209 10.09 -27.01 26.93
C ALA B 209 9.60 -27.73 25.69
N ALA B 210 10.01 -27.24 24.52
CA ALA B 210 9.75 -27.93 23.26
C ALA B 210 10.98 -28.71 22.82
N THR B 211 10.79 -29.94 22.33
CA THR B 211 11.89 -30.69 21.75
C THR B 211 11.55 -31.09 20.32
N LEU B 212 12.56 -31.37 19.52
CA LEU B 212 12.38 -31.63 18.10
C LEU B 212 11.99 -33.06 17.83
N ASP B 213 11.16 -33.60 18.73
CA ASP B 213 10.53 -34.88 18.53
C ASP B 213 9.03 -34.72 18.69
N ASN B 214 8.51 -33.61 18.17
CA ASN B 214 7.06 -33.34 18.18
C ASN B 214 6.45 -33.32 19.58
N THR B 215 7.18 -32.80 20.55
CA THR B 215 6.70 -32.91 21.91
C THR B 215 6.95 -31.61 22.68
N LEU B 216 5.96 -31.20 23.46
CA LEU B 216 6.12 -30.14 24.46
C LEU B 216 6.02 -30.80 25.83
N LYS B 217 6.80 -30.32 26.80
CA LYS B 217 6.77 -30.88 28.15
C LYS B 217 6.69 -29.79 29.21
N LEU B 218 5.89 -30.03 30.24
CA LEU B 218 5.81 -29.14 31.37
C LEU B 218 6.65 -29.73 32.49
N TRP B 219 7.69 -29.03 32.91
CA TRP B 219 8.59 -29.50 33.95
C TRP B 219 8.31 -28.76 35.24
N ASP B 220 8.29 -29.46 36.36
CA ASP B 220 8.34 -28.80 37.65
C ASP B 220 9.80 -28.41 37.90
N TYR B 221 10.08 -27.11 37.99
CA TYR B 221 11.46 -26.65 38.15
C TYR B 221 12.11 -27.14 39.44
N SER B 222 11.46 -26.89 40.58
CA SER B 222 12.05 -27.25 41.86
C SER B 222 12.34 -28.76 41.98
N LYS B 223 11.39 -29.59 41.55
CA LYS B 223 11.55 -31.04 41.65
C LYS B 223 12.38 -31.60 40.50
N GLY B 224 12.53 -30.81 39.44
CA GLY B 224 13.25 -31.25 38.26
C GLY B 224 12.65 -32.45 37.56
N LYS B 225 11.32 -32.53 37.57
CA LYS B 225 10.60 -33.66 36.97
C LYS B 225 9.63 -33.19 35.88
N CYS B 226 9.52 -33.96 34.80
CA CYS B 226 8.52 -33.67 33.78
C CYS B 226 7.14 -34.10 34.28
N LEU B 227 6.16 -33.18 34.21
CA LEU B 227 4.82 -33.42 34.75
C LEU B 227 3.80 -33.78 33.68
N LYS B 228 3.83 -33.08 32.56
CA LYS B 228 2.85 -33.24 31.50
C LYS B 228 3.58 -33.25 30.17
N THR B 229 3.00 -33.92 29.17
CA THR B 229 3.53 -33.84 27.81
C THR B 229 2.39 -33.56 26.85
N TYR B 230 2.66 -32.74 25.85
CA TYR B 230 1.65 -32.34 24.86
C TYR B 230 2.16 -32.77 23.49
N THR B 231 1.33 -33.49 22.75
CA THR B 231 1.76 -34.09 21.48
C THR B 231 0.65 -34.01 20.44
N GLY B 232 0.94 -34.48 19.23
CA GLY B 232 -0.04 -34.50 18.15
C GLY B 232 0.30 -33.56 17.00
N HIS B 233 1.19 -32.60 17.27
CA HIS B 233 1.60 -31.64 16.27
C HIS B 233 2.88 -32.07 15.55
N LYS B 234 3.40 -31.22 14.68
CA LYS B 234 4.64 -31.54 13.97
C LYS B 234 5.72 -30.52 14.32
N ASN B 235 6.78 -30.99 14.98
CA ASN B 235 7.90 -30.12 15.30
C ASN B 235 9.18 -30.93 15.30
N GLU B 236 9.84 -30.98 14.15
CA GLU B 236 11.07 -31.76 13.98
C GLU B 236 12.26 -30.93 13.55
N LYS B 237 12.04 -29.68 13.14
CA LYS B 237 13.08 -28.91 12.45
C LYS B 237 13.34 -27.50 12.99
N TYR B 238 12.27 -26.83 13.43
CA TYR B 238 12.33 -25.40 13.71
C TYR B 238 12.13 -25.07 15.17
N CYS B 239 12.70 -23.95 15.59
CA CYS B 239 12.53 -23.44 16.94
C CYS B 239 11.27 -22.60 17.05
N ILE B 240 10.18 -23.27 17.42
CA ILE B 240 8.85 -22.67 17.43
C ILE B 240 8.47 -22.23 18.83
N PHE B 241 7.98 -20.99 18.95
CA PHE B 241 7.60 -20.46 20.27
C PHE B 241 6.35 -21.18 20.79
N ALA B 242 6.27 -21.32 22.11
CA ALA B 242 5.06 -21.85 22.72
C ALA B 242 4.70 -20.94 23.88
N ASN B 243 3.47 -21.07 24.39
CA ASN B 243 2.97 -20.10 25.34
C ASN B 243 2.05 -20.72 26.38
N PHE B 244 1.98 -20.05 27.55
CA PHE B 244 0.92 -20.29 28.51
C PHE B 244 -0.16 -19.27 28.24
N SER B 245 -1.36 -19.72 27.87
CA SER B 245 -2.47 -18.80 27.71
C SER B 245 -3.28 -18.80 29.01
N VAL B 246 -3.49 -17.63 29.58
CA VAL B 246 -4.05 -17.54 30.92
C VAL B 246 -5.20 -16.54 31.05
N THR B 247 -5.51 -15.81 30.00
CA THR B 247 -6.52 -14.76 30.07
C THR B 247 -7.94 -15.30 30.14
N GLY B 248 -8.11 -16.53 29.67
CA GLY B 248 -9.38 -17.25 29.74
C GLY B 248 -9.14 -18.62 30.36
N GLY B 249 -9.43 -19.67 29.61
CA GLY B 249 -9.10 -21.02 30.07
C GLY B 249 -7.59 -21.20 30.05
N LYS B 250 -7.10 -22.21 30.75
CA LYS B 250 -5.66 -22.42 30.87
C LYS B 250 -5.19 -23.32 29.74
N TRP B 251 -4.59 -22.74 28.72
CA TRP B 251 -4.15 -23.53 27.58
C TRP B 251 -2.64 -23.45 27.40
N ILE B 252 -2.13 -24.40 26.61
CA ILE B 252 -0.78 -24.36 26.05
C ILE B 252 -0.96 -24.04 24.56
N VAL B 253 -0.21 -23.09 24.04
CA VAL B 253 -0.38 -22.67 22.64
C VAL B 253 0.95 -22.78 21.92
N SER B 254 0.96 -23.38 20.73
CA SER B 254 2.19 -23.52 19.95
C SER B 254 1.93 -23.47 18.46
N GLY B 255 2.94 -23.03 17.71
CA GLY B 255 2.92 -23.23 16.28
C GLY B 255 3.29 -24.67 15.94
N SER B 256 3.25 -25.01 14.65
CA SER B 256 3.52 -26.38 14.20
C SER B 256 3.98 -26.33 12.76
N GLU B 257 4.73 -27.34 12.33
CA GLU B 257 5.32 -27.36 11.00
C GLU B 257 4.33 -27.84 9.94
N ASP B 258 3.11 -28.13 10.37
CA ASP B 258 2.03 -28.49 9.44
C ASP B 258 1.13 -27.29 9.15
N ASN B 259 1.64 -26.10 9.50
CA ASN B 259 1.03 -24.80 9.22
C ASN B 259 -0.15 -24.43 10.12
N LEU B 260 -0.31 -25.17 11.21
CA LEU B 260 -1.40 -24.92 12.15
C LEU B 260 -0.91 -24.32 13.45
N VAL B 261 -1.80 -23.60 14.14
CA VAL B 261 -1.61 -23.24 15.54
C VAL B 261 -2.33 -24.30 16.35
N TYR B 262 -1.62 -24.95 17.27
CA TYR B 262 -2.24 -25.93 18.16
C TYR B 262 -2.52 -25.36 19.55
N ILE B 263 -3.69 -25.71 20.08
CA ILE B 263 -4.04 -25.31 21.44
C ILE B 263 -4.40 -26.56 22.24
N TRP B 264 -3.72 -26.75 23.36
CA TRP B 264 -3.99 -27.86 24.27
C TRP B 264 -4.59 -27.37 25.58
N ASN B 265 -5.42 -28.23 26.18
CA ASN B 265 -5.85 -28.03 27.56
C ASN B 265 -4.65 -28.36 28.45
N LEU B 266 -4.22 -27.41 29.27
CA LEU B 266 -2.98 -27.59 30.05
C LEU B 266 -3.10 -28.81 30.97
N GLN B 267 -4.23 -28.93 31.63
CA GLN B 267 -4.42 -30.00 32.62
C GLN B 267 -4.59 -31.38 32.01
N THR B 268 -5.46 -31.48 31.01
CA THR B 268 -5.82 -32.77 30.43
C THR B 268 -4.87 -33.20 29.30
N LYS B 269 -4.12 -32.24 28.77
CA LYS B 269 -3.17 -32.47 27.67
C LYS B 269 -3.85 -32.79 26.33
N GLU B 270 -5.17 -32.66 26.27
CA GLU B 270 -5.90 -32.88 25.03
C GLU B 270 -5.81 -31.66 24.13
N ILE B 271 -5.66 -31.89 22.81
CA ILE B 271 -5.77 -30.80 21.85
C ILE B 271 -7.21 -30.30 21.86
N VAL B 272 -7.39 -28.98 21.97
CA VAL B 272 -8.74 -28.42 21.99
C VAL B 272 -9.05 -27.57 20.76
N GLN B 273 -8.02 -27.08 20.09
CA GLN B 273 -8.20 -26.33 18.86
C GLN B 273 -7.00 -26.44 17.93
N LYS B 274 -7.26 -26.41 16.63
CA LYS B 274 -6.20 -26.25 15.63
C LYS B 274 -6.61 -25.13 14.69
N LEU B 275 -5.84 -24.06 14.66
CA LEU B 275 -6.25 -22.89 13.89
C LEU B 275 -5.67 -22.99 12.49
N GLN B 276 -6.56 -23.03 11.50
CA GLN B 276 -6.13 -23.12 10.10
C GLN B 276 -6.13 -21.77 9.41
N GLY B 277 -5.15 -21.57 8.54
CA GLY B 277 -5.11 -20.36 7.77
C GLY B 277 -3.75 -20.10 7.17
N HIS B 278 -2.70 -20.35 7.94
CA HIS B 278 -1.34 -20.12 7.43
C HIS B 278 -0.98 -21.12 6.34
N THR B 279 -0.07 -20.73 5.46
CA THR B 279 0.33 -21.60 4.34
C THR B 279 1.78 -22.05 4.44
N ASP B 280 2.44 -21.75 5.55
CA ASP B 280 3.79 -22.25 5.82
C ASP B 280 3.89 -22.48 7.32
N VAL B 281 5.03 -23.03 7.75
CA VAL B 281 5.29 -23.32 9.16
C VAL B 281 4.93 -22.16 10.08
N VAL B 282 4.17 -22.41 11.14
CA VAL B 282 3.89 -21.37 12.13
C VAL B 282 5.03 -21.37 13.13
N ILE B 283 5.94 -20.41 12.97
CA ILE B 283 7.17 -20.36 13.76
C ILE B 283 6.95 -19.73 15.13
N SER B 284 5.94 -18.87 15.25
CA SER B 284 5.78 -18.08 16.46
C SER B 284 4.31 -17.89 16.77
N THR B 285 3.99 -17.99 18.06
CA THR B 285 2.70 -17.61 18.57
C THR B 285 2.93 -16.76 19.81
N ALA B 286 1.99 -15.86 20.08
CA ALA B 286 2.04 -15.02 21.29
C ALA B 286 0.64 -14.85 21.82
N CYS B 287 0.52 -14.67 23.13
CA CYS B 287 -0.79 -14.48 23.76
C CYS B 287 -0.90 -13.08 24.38
N HIS B 288 -2.03 -12.42 24.15
CA HIS B 288 -2.22 -11.05 24.62
C HIS B 288 -2.25 -11.04 26.14
N PRO B 289 -1.72 -9.98 26.78
CA PRO B 289 -1.58 -10.04 28.24
C PRO B 289 -2.90 -9.94 29.02
N THR B 290 -3.94 -9.39 28.41
CA THR B 290 -5.21 -9.21 29.13
C THR B 290 -6.44 -9.74 28.39
N GLU B 291 -6.37 -9.76 27.05
CA GLU B 291 -7.49 -10.23 26.25
C GLU B 291 -7.18 -11.58 25.59
N ASN B 292 -8.21 -12.35 25.27
CA ASN B 292 -8.03 -13.61 24.57
C ASN B 292 -7.71 -13.36 23.10
N ILE B 293 -6.46 -12.98 22.82
CA ILE B 293 -6.02 -12.75 21.46
C ILE B 293 -4.71 -13.50 21.28
N ILE B 294 -4.62 -14.26 20.19
CA ILE B 294 -3.40 -14.97 19.83
C ILE B 294 -2.87 -14.36 18.53
N ALA B 295 -1.58 -14.04 18.52
CA ALA B 295 -0.89 -13.68 17.30
C ALA B 295 -0.08 -14.89 16.85
N SER B 296 -0.08 -15.15 15.55
CA SER B 296 0.73 -16.25 14.99
C SER B 296 1.47 -15.71 13.78
N ALA B 297 2.64 -16.28 13.50
CA ALA B 297 3.43 -15.79 12.38
C ALA B 297 4.04 -16.96 11.64
N ALA B 298 4.19 -16.82 10.33
CA ALA B 298 4.69 -17.94 9.53
C ALA B 298 5.95 -17.65 8.71
N LEU B 299 6.54 -18.72 8.20
CA LEU B 299 7.79 -18.63 7.46
C LEU B 299 7.60 -18.14 6.01
N GLU B 300 8.65 -18.29 5.21
CA GLU B 300 8.82 -17.57 3.95
C GLU B 300 7.74 -17.74 2.88
N ASN B 301 7.12 -18.91 2.81
CA ASN B 301 6.10 -19.12 1.78
C ASN B 301 4.79 -18.43 2.13
N ASP B 302 4.69 -17.94 3.36
CA ASP B 302 3.47 -17.34 3.89
C ASP B 302 3.67 -15.82 4.11
N LYS B 303 4.63 -15.47 4.97
CA LYS B 303 5.00 -14.09 5.29
C LYS B 303 3.98 -13.28 6.09
N THR B 304 2.88 -13.90 6.52
CA THR B 304 1.87 -13.13 7.24
C THR B 304 1.81 -13.39 8.73
N ILE B 305 1.23 -12.43 9.44
CA ILE B 305 0.89 -12.58 10.83
C ILE B 305 -0.62 -12.63 10.91
N LYS B 306 -1.14 -13.48 11.78
CA LYS B 306 -2.58 -13.55 11.96
C LYS B 306 -2.96 -13.28 13.41
N LEU B 307 -4.04 -12.53 13.59
CA LEU B 307 -4.61 -12.28 14.92
C LEU B 307 -5.89 -13.08 15.04
N TRP B 308 -5.98 -13.90 16.08
CA TRP B 308 -7.13 -14.78 16.33
C TRP B 308 -7.76 -14.36 17.67
N LYS B 309 -9.09 -14.30 17.73
CA LYS B 309 -9.73 -13.87 18.98
C LYS B 309 -10.76 -14.89 19.45
N SER B 310 -10.90 -15.01 20.76
CA SER B 310 -11.77 -16.01 21.37
C SER B 310 -12.59 -15.42 22.51
N ASP B 311 -13.68 -16.11 22.87
CA ASP B 311 -14.54 -15.68 23.96
C ASP B 311 -14.07 -16.21 25.31
N CYS B 312 -13.24 -17.25 25.30
CA CYS B 312 -12.70 -17.80 26.54
C CYS B 312 -11.28 -18.32 26.36
N VAL C 9 16.48 7.32 2.57
CA VAL C 9 15.88 8.20 3.55
C VAL C 9 14.45 8.58 3.15
N LYS C 10 13.55 8.63 4.12
CA LYS C 10 12.16 9.03 3.88
C LYS C 10 11.70 9.94 5.00
N PRO C 11 10.82 10.90 4.69
CA PRO C 11 10.33 11.75 5.77
C PRO C 11 9.34 10.96 6.60
N ASN C 12 8.99 11.48 7.78
CA ASN C 12 7.99 10.84 8.63
C ASN C 12 6.94 11.85 9.09
N TYR C 13 6.29 12.51 8.13
CA TYR C 13 5.23 13.44 8.47
C TYR C 13 4.11 12.74 9.21
N ALA C 14 3.69 13.34 10.32
CA ALA C 14 2.58 12.84 11.12
C ALA C 14 1.67 14.01 11.46
N LEU C 15 0.39 13.74 11.59
CA LEU C 15 -0.60 14.78 11.84
C LEU C 15 -0.41 15.37 13.23
N LYS C 16 -0.35 16.69 13.32
CA LYS C 16 -0.19 17.35 14.62
C LYS C 16 -1.42 18.15 15.02
N PHE C 17 -1.99 18.90 14.08
CA PHE C 17 -3.14 19.73 14.38
C PHE C 17 -4.11 19.71 13.23
N THR C 18 -5.38 19.88 13.57
CA THR C 18 -6.42 20.05 12.57
C THR C 18 -7.05 21.40 12.84
N LEU C 19 -7.04 22.26 11.82
CA LEU C 19 -7.52 23.62 11.97
C LEU C 19 -8.91 23.73 11.39
N ALA C 20 -9.90 23.88 12.27
CA ALA C 20 -11.29 23.92 11.86
C ALA C 20 -11.84 25.31 12.09
N GLY C 21 -12.67 25.77 11.16
CA GLY C 21 -13.24 27.10 11.28
C GLY C 21 -13.93 27.56 10.03
N HIS C 22 -13.33 27.30 8.88
CA HIS C 22 -13.96 27.65 7.61
C HIS C 22 -15.27 26.89 7.43
N THR C 23 -16.26 27.53 6.81
CA THR C 23 -17.58 26.91 6.67
C THR C 23 -17.84 26.43 5.25
N LYS C 24 -16.86 26.59 4.37
CA LYS C 24 -16.92 26.02 3.02
C LYS C 24 -15.55 25.48 2.64
N ALA C 25 -15.38 25.03 1.40
CA ALA C 25 -14.09 24.50 0.96
C ALA C 25 -12.97 25.49 1.29
N VAL C 26 -11.83 24.96 1.71
CA VAL C 26 -10.63 25.78 1.81
C VAL C 26 -9.93 25.69 0.47
N SER C 27 -9.55 26.83 -0.12
CA SER C 27 -8.96 26.83 -1.46
C SER C 27 -7.42 26.88 -1.49
N SER C 28 -6.79 27.48 -0.50
CA SER C 28 -5.34 27.66 -0.55
C SER C 28 -4.81 27.92 0.86
N VAL C 29 -3.67 27.31 1.19
CA VAL C 29 -2.95 27.67 2.41
C VAL C 29 -1.52 28.05 2.05
N LYS C 30 -0.97 29.03 2.77
CA LYS C 30 0.39 29.53 2.55
C LYS C 30 1.00 29.93 3.88
N PHE C 31 2.24 29.52 4.11
CA PHE C 31 2.97 29.98 5.29
C PHE C 31 3.60 31.35 5.05
N SER C 32 3.57 32.22 6.06
CA SER C 32 4.26 33.50 5.98
C SER C 32 5.77 33.26 5.83
N PRO C 33 6.47 34.15 5.11
CA PRO C 33 7.90 33.91 4.92
C PRO C 33 8.69 33.94 6.23
N ASN C 34 8.19 34.66 7.24
CA ASN C 34 8.83 34.70 8.54
C ASN C 34 8.50 33.46 9.40
N GLY C 35 7.64 32.60 8.87
CA GLY C 35 7.36 31.32 9.52
C GLY C 35 6.38 31.39 10.68
N GLU C 36 5.89 32.58 11.02
CA GLU C 36 5.03 32.74 12.18
C GLU C 36 3.58 32.31 11.93
N TRP C 37 3.11 32.45 10.69
CA TRP C 37 1.69 32.27 10.42
C TRP C 37 1.39 31.36 9.25
N LEU C 38 0.16 30.85 9.25
CA LEU C 38 -0.41 30.22 8.07
C LEU C 38 -1.63 31.06 7.70
N ALA C 39 -1.75 31.41 6.43
CA ALA C 39 -2.98 32.05 5.95
C ALA C 39 -3.75 31.02 5.14
N SER C 40 -5.06 31.03 5.27
CA SER C 40 -5.90 30.15 4.47
C SER C 40 -6.98 30.97 3.81
N SER C 41 -7.37 30.59 2.60
CA SER C 41 -8.45 31.29 1.92
C SER C 41 -9.54 30.26 1.67
N SER C 42 -10.79 30.73 1.58
CA SER C 42 -11.91 29.80 1.48
C SER C 42 -13.03 30.29 0.60
N ALA C 43 -13.81 29.33 0.11
CA ALA C 43 -15.06 29.60 -0.59
C ALA C 43 -16.07 30.33 0.30
N ASP C 44 -15.81 30.36 1.61
CA ASP C 44 -16.69 31.07 2.54
C ASP C 44 -16.45 32.58 2.56
N LYS C 45 -15.64 33.07 1.62
CA LYS C 45 -15.30 34.48 1.47
C LYS C 45 -14.29 35.03 2.48
N LEU C 46 -13.74 34.16 3.32
CA LEU C 46 -12.90 34.64 4.41
C LEU C 46 -11.45 34.20 4.24
N ILE C 47 -10.55 35.01 4.79
CA ILE C 47 -9.18 34.59 4.99
C ILE C 47 -9.04 34.39 6.49
N LYS C 48 -8.38 33.30 6.88
CA LYS C 48 -8.10 33.10 8.29
C LYS C 48 -6.60 32.99 8.52
N ILE C 49 -6.15 33.50 9.66
CA ILE C 49 -4.74 33.44 10.05
C ILE C 49 -4.64 32.52 11.26
N TRP C 50 -3.65 31.63 11.24
CA TRP C 50 -3.47 30.63 12.27
C TRP C 50 -1.99 30.63 12.65
N GLY C 51 -1.68 30.30 13.90
CA GLY C 51 -0.30 30.13 14.31
C GLY C 51 0.32 28.95 13.60
N ALA C 52 1.51 29.12 13.04
CA ALA C 52 2.13 28.04 12.27
C ALA C 52 2.66 26.88 13.12
N TYR C 53 2.91 27.15 14.40
CA TYR C 53 3.51 26.14 15.25
C TYR C 53 2.47 25.45 16.12
N ASP C 54 1.44 26.19 16.52
CA ASP C 54 0.47 25.64 17.47
C ASP C 54 -0.91 25.45 16.84
N GLY C 55 -1.04 25.89 15.60
CA GLY C 55 -2.30 25.76 14.90
C GLY C 55 -3.40 26.65 15.46
N LYS C 56 -3.04 27.54 16.40
CA LYS C 56 -4.03 28.35 17.08
C LYS C 56 -4.64 29.42 16.19
N PHE C 57 -5.97 29.45 16.10
CA PHE C 57 -6.65 30.50 15.36
C PHE C 57 -6.25 31.88 15.87
N GLU C 58 -5.82 32.73 14.94
CA GLU C 58 -5.43 34.10 15.27
C GLU C 58 -6.54 35.10 14.94
N LYS C 59 -6.97 35.14 13.68
CA LYS C 59 -7.94 36.14 13.25
C LYS C 59 -8.62 35.78 11.94
N THR C 60 -9.80 36.36 11.72
CA THR C 60 -10.53 36.24 10.46
C THR C 60 -10.41 37.58 9.71
N ILE C 61 -10.16 37.52 8.42
CA ILE C 61 -10.05 38.70 7.58
C ILE C 61 -11.17 38.63 6.53
N SER C 62 -12.02 39.65 6.50
CA SER C 62 -13.23 39.61 5.68
C SER C 62 -13.38 40.87 4.85
N GLY C 63 -14.16 40.79 3.78
CA GLY C 63 -14.31 41.91 2.87
C GLY C 63 -14.71 41.53 1.46
N HIS C 64 -14.22 40.37 0.99
CA HIS C 64 -14.60 39.90 -0.33
C HIS C 64 -16.09 39.61 -0.37
N LYS C 65 -16.71 39.85 -1.53
CA LYS C 65 -18.14 39.68 -1.66
C LYS C 65 -18.50 38.25 -2.10
N LEU C 66 -17.50 37.51 -2.55
CA LEU C 66 -17.70 36.13 -2.98
C LEU C 66 -16.50 35.28 -2.53
N GLY C 67 -16.54 33.98 -2.79
CA GLY C 67 -15.44 33.10 -2.37
C GLY C 67 -14.07 33.44 -2.94
N ILE C 68 -13.04 32.90 -2.31
CA ILE C 68 -11.65 33.24 -2.62
C ILE C 68 -10.91 31.97 -3.06
N SER C 69 -10.14 32.04 -4.15
CA SER C 69 -9.44 30.87 -4.69
C SER C 69 -7.95 30.80 -4.36
N ASP C 70 -7.39 31.90 -3.86
CA ASP C 70 -5.95 31.92 -3.60
C ASP C 70 -5.57 33.06 -2.66
N VAL C 71 -4.48 32.89 -1.93
CA VAL C 71 -3.94 33.95 -1.07
C VAL C 71 -2.42 33.86 -1.17
N ALA C 72 -1.72 34.98 -1.00
CA ALA C 72 -0.26 34.96 -1.04
C ALA C 72 0.32 36.04 -0.13
N TRP C 73 1.53 35.79 0.39
CA TRP C 73 2.18 36.70 1.33
C TRP C 73 3.23 37.60 0.68
N SER C 74 3.35 38.82 1.17
CA SER C 74 4.49 39.68 0.84
C SER C 74 5.72 39.12 1.54
N SER C 75 6.90 39.48 1.04
CA SER C 75 8.15 38.91 1.56
C SER C 75 8.43 39.29 3.01
N ASP C 76 7.92 40.44 3.47
CA ASP C 76 8.09 40.83 4.86
C ASP C 76 6.97 40.35 5.79
N SER C 77 6.11 39.46 5.26
CA SER C 77 4.98 38.91 6.01
C SER C 77 3.94 39.92 6.52
N ASN C 78 4.00 41.17 6.06
CA ASN C 78 3.05 42.18 6.54
C ASN C 78 1.76 42.29 5.73
N LEU C 79 1.80 41.88 4.47
CA LEU C 79 0.65 41.96 3.58
C LEU C 79 0.23 40.60 3.06
N LEU C 80 -1.07 40.47 2.75
CA LEU C 80 -1.57 39.33 1.99
C LEU C 80 -2.30 39.89 0.79
N VAL C 81 -2.30 39.12 -0.30
CA VAL C 81 -3.18 39.44 -1.39
C VAL C 81 -4.04 38.21 -1.62
N SER C 82 -5.30 38.42 -1.95
CA SER C 82 -6.26 37.35 -2.14
C SER C 82 -6.90 37.49 -3.50
N ALA C 83 -7.31 36.37 -4.09
CA ALA C 83 -7.92 36.36 -5.42
C ALA C 83 -9.33 35.77 -5.34
N SER C 84 -10.33 36.53 -5.75
CA SER C 84 -11.73 36.15 -5.50
C SER C 84 -12.60 35.99 -6.75
N ASP C 85 -13.68 35.23 -6.57
CA ASP C 85 -14.73 35.12 -7.57
C ASP C 85 -15.40 36.46 -7.83
N ASP C 86 -15.25 37.41 -6.90
CA ASP C 86 -15.88 38.73 -7.05
C ASP C 86 -15.15 39.62 -8.07
N LYS C 87 -14.21 39.01 -8.81
CA LYS C 87 -13.43 39.67 -9.87
C LYS C 87 -12.32 40.60 -9.37
N THR C 88 -12.09 40.63 -8.07
CA THR C 88 -11.06 41.53 -7.55
C THR C 88 -9.97 40.74 -6.84
N LEU C 89 -8.85 41.40 -6.62
CA LEU C 89 -7.90 40.95 -5.63
C LEU C 89 -7.95 41.99 -4.53
N LYS C 90 -7.63 41.62 -3.31
CA LYS C 90 -7.51 42.61 -2.25
C LYS C 90 -6.16 42.48 -1.58
N ILE C 91 -5.53 43.61 -1.29
CA ILE C 91 -4.30 43.64 -0.50
C ILE C 91 -4.67 43.94 0.94
N TRP C 92 -4.19 43.12 1.87
CA TRP C 92 -4.61 43.20 3.25
C TRP C 92 -3.42 43.49 4.13
N ASP C 93 -3.59 44.41 5.08
CA ASP C 93 -2.61 44.56 6.15
C ASP C 93 -2.92 43.50 7.20
N VAL C 94 -2.02 42.53 7.36
CA VAL C 94 -2.30 41.38 8.22
C VAL C 94 -2.51 41.73 9.70
N SER C 95 -1.70 42.62 10.24
CA SER C 95 -1.81 42.92 11.66
C SER C 95 -3.17 43.54 12.01
N SER C 96 -3.67 44.41 11.13
CA SER C 96 -4.94 45.08 11.35
C SER C 96 -6.14 44.35 10.73
N GLY C 97 -5.85 43.49 9.76
CA GLY C 97 -6.91 42.83 9.01
C GLY C 97 -7.61 43.74 8.02
N LYS C 98 -7.11 44.97 7.86
CA LYS C 98 -7.78 45.93 6.97
C LYS C 98 -7.39 45.76 5.51
N CYS C 99 -8.38 45.96 4.64
CA CYS C 99 -8.14 45.97 3.20
C CYS C 99 -7.50 47.30 2.81
N LEU C 100 -6.28 47.24 2.31
CA LEU C 100 -5.56 48.45 1.93
C LEU C 100 -5.93 48.92 0.53
N LYS C 101 -6.04 47.95 -0.38
CA LYS C 101 -6.35 48.25 -1.77
C LYS C 101 -7.24 47.14 -2.32
N THR C 102 -8.17 47.50 -3.18
CA THR C 102 -8.90 46.49 -3.95
C THR C 102 -8.44 46.61 -5.39
N LEU C 103 -7.86 45.53 -5.92
CA LEU C 103 -7.30 45.55 -7.28
C LEU C 103 -8.36 45.15 -8.29
N LYS C 104 -8.82 46.13 -9.07
CA LYS C 104 -9.97 45.93 -9.95
C LYS C 104 -9.52 46.01 -11.40
N GLY C 105 -10.16 45.23 -12.26
CA GLY C 105 -9.79 45.20 -13.66
C GLY C 105 -10.12 43.88 -14.34
N HIS C 106 -9.92 42.77 -13.63
CA HIS C 106 -10.28 41.49 -14.22
C HIS C 106 -11.77 41.47 -14.50
N SER C 107 -12.18 40.70 -15.50
CA SER C 107 -13.57 40.67 -15.91
C SER C 107 -14.23 39.32 -15.61
N ASN C 108 -13.52 38.47 -14.91
CA ASN C 108 -14.06 37.19 -14.47
C ASN C 108 -13.33 36.77 -13.19
N TYR C 109 -13.63 35.58 -12.68
CA TYR C 109 -13.02 35.12 -11.41
C TYR C 109 -11.51 35.29 -11.41
N VAL C 110 -10.96 35.78 -10.31
CA VAL C 110 -9.50 35.82 -10.17
C VAL C 110 -9.14 34.52 -9.49
N PHE C 111 -8.20 33.79 -10.07
CA PHE C 111 -7.94 32.40 -9.70
C PHE C 111 -6.66 32.23 -8.88
N CYS C 112 -5.63 33.00 -9.21
CA CYS C 112 -4.31 32.79 -8.62
C CYS C 112 -3.58 34.12 -8.44
N CYS C 113 -2.63 34.17 -7.51
CA CYS C 113 -1.94 35.42 -7.23
C CYS C 113 -0.63 35.17 -6.51
N ASN C 114 0.27 36.14 -6.60
CA ASN C 114 1.57 36.05 -5.93
C ASN C 114 2.25 37.41 -5.92
N PHE C 115 3.00 37.70 -4.84
CA PHE C 115 3.88 38.86 -4.83
C PHE C 115 5.21 38.48 -5.51
N ASN C 116 5.95 39.46 -6.03
CA ASN C 116 7.32 39.19 -6.43
C ASN C 116 8.21 39.24 -5.18
N PRO C 117 9.46 38.78 -5.28
CA PRO C 117 10.28 38.74 -4.07
C PRO C 117 10.49 40.11 -3.42
N GLN C 118 10.65 41.13 -4.25
CA GLN C 118 10.79 42.50 -3.78
C GLN C 118 9.50 42.95 -3.12
N SER C 119 8.38 42.35 -3.56
CA SER C 119 7.04 42.67 -3.07
C SER C 119 6.53 44.07 -3.43
N ASN C 120 7.11 44.66 -4.47
CA ASN C 120 6.57 45.89 -5.04
C ASN C 120 5.54 45.58 -6.12
N LEU C 121 5.46 44.32 -6.52
CA LEU C 121 4.52 43.89 -7.57
C LEU C 121 3.66 42.70 -7.15
N ILE C 122 2.44 42.63 -7.68
CA ILE C 122 1.61 41.44 -7.59
C ILE C 122 1.27 40.93 -8.99
N VAL C 123 1.30 39.61 -9.17
CA VAL C 123 0.83 39.04 -10.42
C VAL C 123 -0.45 38.24 -10.15
N SER C 124 -1.41 38.31 -11.07
CA SER C 124 -2.67 37.61 -10.91
C SER C 124 -3.05 36.89 -12.19
N GLY C 125 -3.80 35.80 -12.07
CA GLY C 125 -4.33 35.08 -13.22
C GLY C 125 -5.82 34.90 -13.05
N SER C 126 -6.54 34.90 -14.17
CA SER C 126 -7.99 34.94 -14.08
C SER C 126 -8.70 34.06 -15.11
N PHE C 127 -9.98 33.80 -14.84
CA PHE C 127 -10.85 33.10 -15.77
C PHE C 127 -11.03 33.95 -17.03
N ASP C 128 -10.67 35.24 -16.96
CA ASP C 128 -10.73 36.08 -18.16
C ASP C 128 -9.56 35.82 -19.12
N GLU C 129 -8.71 34.85 -18.76
CA GLU C 129 -7.63 34.34 -19.61
C GLU C 129 -6.38 35.24 -19.67
N SER C 130 -6.38 36.32 -18.88
CA SER C 130 -5.23 37.20 -18.83
C SER C 130 -4.41 37.00 -17.56
N VAL C 131 -3.18 37.49 -17.62
CA VAL C 131 -2.34 37.67 -16.44
C VAL C 131 -2.17 39.18 -16.25
N ARG C 132 -2.39 39.67 -15.03
CA ARG C 132 -2.18 41.10 -14.74
C ARG C 132 -1.04 41.30 -13.77
N ILE C 133 -0.33 42.42 -13.91
CA ILE C 133 0.78 42.76 -13.04
C ILE C 133 0.43 44.11 -12.39
N TRP C 134 0.40 44.14 -11.06
CA TRP C 134 -0.12 45.29 -10.32
C TRP C 134 0.99 45.94 -9.53
N ASP C 135 0.91 47.27 -9.42
CA ASP C 135 1.79 48.03 -8.53
C ASP C 135 1.23 47.95 -7.11
N VAL C 136 2.01 47.44 -6.17
CA VAL C 136 1.55 47.27 -4.79
C VAL C 136 1.33 48.63 -4.14
N LYS C 137 2.22 49.57 -4.44
CA LYS C 137 2.22 50.89 -3.80
C LYS C 137 0.97 51.70 -4.17
N THR C 138 0.58 51.63 -5.44
CA THR C 138 -0.49 52.48 -5.97
C THR C 138 -1.76 51.72 -6.29
N GLY C 139 -1.66 50.40 -6.37
CA GLY C 139 -2.82 49.58 -6.71
C GLY C 139 -3.18 49.62 -8.17
N LYS C 140 -2.38 50.31 -8.99
CA LYS C 140 -2.65 50.40 -10.41
C LYS C 140 -2.18 49.15 -11.14
N CYS C 141 -2.89 48.76 -12.18
CA CYS C 141 -2.45 47.66 -13.03
C CYS C 141 -1.43 48.17 -14.03
N LEU C 142 -0.23 47.59 -14.00
CA LEU C 142 0.86 48.02 -14.88
C LEU C 142 0.78 47.38 -16.24
N LYS C 143 0.44 46.08 -16.27
CA LYS C 143 0.39 45.36 -17.52
C LYS C 143 -0.78 44.40 -17.49
N THR C 144 -1.43 44.28 -18.65
CA THR C 144 -2.40 43.21 -18.88
C THR C 144 -1.83 42.33 -19.97
N LEU C 145 -1.46 41.10 -19.64
CA LEU C 145 -0.89 40.19 -20.62
C LEU C 145 -1.96 39.28 -21.21
N PRO C 146 -2.06 39.21 -22.55
CA PRO C 146 -3.00 38.32 -23.24
C PRO C 146 -2.40 36.93 -23.25
N ALA C 147 -2.37 36.34 -22.07
CA ALA C 147 -1.48 35.22 -21.78
C ALA C 147 -1.94 33.88 -22.36
N HIS C 148 -3.24 33.63 -22.28
CA HIS C 148 -3.73 32.29 -22.58
C HIS C 148 -5.09 32.31 -23.27
N SER C 149 -5.53 31.14 -23.72
CA SER C 149 -6.82 31.00 -24.41
C SER C 149 -7.85 30.23 -23.58
N ASP C 150 -7.58 30.13 -22.28
CA ASP C 150 -8.44 29.43 -21.31
C ASP C 150 -8.08 30.00 -19.95
N PRO C 151 -8.87 29.69 -18.92
CA PRO C 151 -8.51 30.22 -17.60
C PRO C 151 -7.06 29.99 -17.20
N VAL C 152 -6.51 30.97 -16.48
CA VAL C 152 -5.13 30.91 -15.98
C VAL C 152 -5.11 30.27 -14.59
N SER C 153 -4.43 29.15 -14.48
CA SER C 153 -4.52 28.32 -13.28
C SER C 153 -3.47 28.67 -12.21
N ALA C 154 -2.33 29.21 -12.62
CA ALA C 154 -1.28 29.56 -11.65
C ALA C 154 -0.40 30.66 -12.21
N VAL C 155 0.15 31.48 -11.32
CA VAL C 155 1.14 32.48 -11.70
C VAL C 155 2.19 32.55 -10.60
N HIS C 156 3.46 32.68 -10.98
CA HIS C 156 4.54 32.68 -9.99
C HIS C 156 5.77 33.45 -10.49
N PHE C 157 6.38 34.27 -9.64
CA PHE C 157 7.64 34.92 -10.00
C PHE C 157 8.83 34.02 -9.69
N ASN C 158 9.89 34.13 -10.49
CA ASN C 158 11.15 33.48 -10.14
C ASN C 158 11.85 34.25 -9.02
N ARG C 159 13.04 33.80 -8.65
CA ARG C 159 13.63 34.22 -7.38
C ARG C 159 14.10 35.67 -7.38
N ASP C 160 14.43 36.20 -8.56
CA ASP C 160 14.82 37.61 -8.62
C ASP C 160 13.73 38.51 -9.23
N GLY C 161 12.56 37.93 -9.48
CA GLY C 161 11.41 38.71 -9.92
C GLY C 161 11.41 39.08 -11.40
N SER C 162 12.43 38.64 -12.11
CA SER C 162 12.62 39.05 -13.50
C SER C 162 11.69 38.28 -14.43
N LEU C 163 11.20 37.13 -13.97
CA LEU C 163 10.34 36.28 -14.80
C LEU C 163 9.04 35.94 -14.09
N ILE C 164 7.99 35.72 -14.89
CA ILE C 164 6.74 35.16 -14.40
C ILE C 164 6.44 33.90 -15.17
N VAL C 165 6.08 32.83 -14.46
CA VAL C 165 5.57 31.64 -15.14
C VAL C 165 4.06 31.55 -14.95
N SER C 166 3.34 31.22 -16.02
CA SER C 166 1.88 31.07 -15.94
C SER C 166 1.48 29.74 -16.55
N SER C 167 0.35 29.21 -16.11
CA SER C 167 -0.20 28.00 -16.67
C SER C 167 -1.68 28.17 -16.94
N SER C 168 -2.24 27.31 -17.79
CA SER C 168 -3.64 27.43 -18.16
C SER C 168 -4.21 26.07 -18.57
N TYR C 169 -5.54 25.95 -18.45
CA TYR C 169 -6.24 24.78 -18.97
C TYR C 169 -6.01 24.64 -20.48
N ASP C 170 -5.55 25.70 -21.14
CA ASP C 170 -5.21 25.63 -22.55
C ASP C 170 -4.03 24.70 -22.86
N GLY C 171 -3.39 24.17 -21.82
CA GLY C 171 -2.32 23.20 -21.99
C GLY C 171 -0.93 23.81 -22.00
N LEU C 172 -0.86 25.12 -21.84
CA LEU C 172 0.42 25.81 -21.95
C LEU C 172 0.97 26.27 -20.61
N CYS C 173 2.29 26.14 -20.46
CA CYS C 173 3.04 26.94 -19.49
C CYS C 173 3.75 28.04 -20.26
N ARG C 174 3.65 29.27 -19.78
CA ARG C 174 4.35 30.38 -20.44
C ARG C 174 5.20 31.17 -19.47
N ILE C 175 6.34 31.64 -19.96
CA ILE C 175 7.24 32.43 -19.13
C ILE C 175 7.35 33.84 -19.72
N TRP C 176 7.15 34.83 -18.86
CA TRP C 176 7.04 36.23 -19.27
C TRP C 176 8.15 37.08 -18.66
N ASP C 177 8.65 38.02 -19.45
CA ASP C 177 9.57 39.04 -18.93
C ASP C 177 8.77 40.04 -18.11
N THR C 178 9.04 40.14 -16.82
CA THR C 178 8.26 41.01 -15.95
C THR C 178 8.29 42.45 -16.45
N ALA C 179 9.45 42.91 -16.88
CA ALA C 179 9.64 44.33 -17.16
C ALA C 179 9.03 44.74 -18.49
N SER C 180 9.18 43.87 -19.50
CA SER C 180 8.71 44.19 -20.84
C SER C 180 7.31 43.66 -21.13
N GLY C 181 6.93 42.58 -20.43
CA GLY C 181 5.66 41.94 -20.68
C GLY C 181 5.72 40.92 -21.81
N GLN C 182 6.91 40.75 -22.38
CA GLN C 182 7.07 39.84 -23.52
C GLN C 182 6.98 38.37 -23.11
N CYS C 183 6.36 37.57 -23.97
CA CYS C 183 6.39 36.13 -23.79
C CYS C 183 7.74 35.62 -24.24
N LEU C 184 8.52 35.08 -23.30
CA LEU C 184 9.86 34.60 -23.61
C LEU C 184 9.90 33.13 -23.99
N LYS C 185 8.95 32.35 -23.48
CA LYS C 185 9.01 30.91 -23.69
C LYS C 185 7.63 30.28 -23.50
N THR C 186 7.32 29.30 -24.35
CA THR C 186 6.12 28.50 -24.18
C THR C 186 6.56 27.05 -24.02
N LEU C 187 6.12 26.39 -22.96
CA LEU C 187 6.51 25.01 -22.69
C LEU C 187 5.33 24.05 -22.85
N ILE C 188 5.55 22.98 -23.59
CA ILE C 188 4.49 21.99 -23.83
C ILE C 188 5.13 20.68 -24.30
N ASP C 189 4.54 19.55 -23.90
CA ASP C 189 5.17 18.25 -24.13
C ASP C 189 4.52 17.44 -25.25
N ASP C 190 3.97 18.14 -26.25
CA ASP C 190 3.43 17.52 -27.47
C ASP C 190 2.15 16.71 -27.22
N ASP C 191 1.25 17.22 -26.38
CA ASP C 191 0.17 16.39 -25.85
C ASP C 191 -1.06 17.20 -25.39
N ASN C 192 -0.82 18.43 -24.93
CA ASN C 192 -1.87 19.39 -24.53
C ASN C 192 -2.87 19.11 -23.38
N PRO C 193 -2.53 18.25 -22.39
CA PRO C 193 -3.49 18.20 -21.26
C PRO C 193 -3.51 19.53 -20.50
N PRO C 194 -4.65 19.89 -19.90
CA PRO C 194 -4.75 21.15 -19.14
C PRO C 194 -3.64 21.21 -18.10
N VAL C 195 -3.00 22.36 -17.96
CA VAL C 195 -1.97 22.54 -16.94
C VAL C 195 -2.63 23.21 -15.75
N SER C 196 -2.64 22.50 -14.62
CA SER C 196 -3.42 22.94 -13.47
C SER C 196 -2.62 23.69 -12.41
N PHE C 197 -1.30 23.62 -12.51
CA PHE C 197 -0.43 24.33 -11.57
C PHE C 197 0.96 24.48 -12.15
N VAL C 198 1.63 25.57 -11.78
CA VAL C 198 3.00 25.76 -12.16
C VAL C 198 3.72 26.63 -11.11
N LYS C 199 5.01 26.36 -10.89
CA LYS C 199 5.85 27.23 -10.06
C LYS C 199 7.34 27.00 -10.32
N PHE C 200 8.14 28.03 -10.10
CA PHE C 200 9.58 27.91 -10.23
C PHE C 200 10.11 27.18 -9.01
N SER C 201 11.18 26.42 -9.22
CA SER C 201 11.98 25.84 -8.14
C SER C 201 12.65 26.98 -7.38
N PRO C 202 13.08 26.74 -6.13
CA PRO C 202 13.64 27.82 -5.33
C PRO C 202 14.84 28.52 -6.00
N ASN C 203 15.67 27.78 -6.73
CA ASN C 203 16.80 28.39 -7.42
C ASN C 203 16.46 29.02 -8.78
N GLY C 204 15.20 28.86 -9.20
CA GLY C 204 14.72 29.47 -10.43
C GLY C 204 15.13 28.74 -11.70
N LYS C 205 15.83 27.62 -11.56
CA LYS C 205 16.32 26.88 -12.72
C LYS C 205 15.28 25.93 -13.30
N TYR C 206 14.34 25.50 -12.45
CA TYR C 206 13.35 24.54 -12.90
C TYR C 206 11.93 25.07 -12.75
N ILE C 207 11.01 24.41 -13.42
CA ILE C 207 9.60 24.68 -13.25
C ILE C 207 8.88 23.37 -12.94
N LEU C 208 8.06 23.36 -11.90
CA LEU C 208 7.27 22.19 -11.55
C LEU C 208 5.90 22.46 -12.11
N ALA C 209 5.36 21.54 -12.90
CA ALA C 209 4.06 21.74 -13.53
C ALA C 209 3.17 20.55 -13.31
N ALA C 210 1.94 20.79 -12.87
CA ALA C 210 0.94 19.72 -12.77
C ALA C 210 0.03 19.74 -13.98
N THR C 211 -0.33 18.58 -14.50
CA THR C 211 -1.32 18.48 -15.56
C THR C 211 -2.45 17.55 -15.12
N LEU C 212 -3.62 17.70 -15.74
CA LEU C 212 -4.80 16.96 -15.32
C LEU C 212 -4.84 15.56 -15.92
N ASP C 213 -3.66 14.95 -15.99
CA ASP C 213 -3.53 13.55 -16.36
C ASP C 213 -2.74 12.85 -15.28
N ASN C 214 -2.98 13.22 -14.03
CA ASN C 214 -2.34 12.57 -12.86
C ASN C 214 -0.83 12.63 -12.89
N THR C 215 -0.27 13.74 -13.36
CA THR C 215 1.17 13.81 -13.53
C THR C 215 1.69 15.17 -13.10
N LEU C 216 2.82 15.15 -12.40
CA LEU C 216 3.61 16.36 -12.13
C LEU C 216 4.90 16.21 -12.92
N LYS C 217 5.42 17.32 -13.46
CA LYS C 217 6.64 17.27 -14.26
C LYS C 217 7.62 18.34 -13.81
N LEU C 218 8.90 17.98 -13.75
CA LEU C 218 9.95 18.95 -13.46
C LEU C 218 10.62 19.32 -14.78
N TRP C 219 10.50 20.59 -15.18
CA TRP C 219 11.06 21.09 -16.44
C TRP C 219 12.33 21.88 -16.18
N ASP C 220 13.35 21.65 -17.00
CA ASP C 220 14.49 22.56 -17.03
C ASP C 220 14.08 23.79 -17.85
N TYR C 221 14.00 24.96 -17.22
CA TYR C 221 13.52 26.16 -17.91
C TYR C 221 14.40 26.57 -19.08
N SER C 222 15.70 26.73 -18.82
CA SER C 222 16.62 27.17 -19.86
C SER C 222 16.64 26.22 -21.04
N LYS C 223 16.71 24.92 -20.76
CA LYS C 223 16.73 23.90 -21.82
C LYS C 223 15.36 23.66 -22.43
N GLY C 224 14.31 24.01 -21.68
CA GLY C 224 12.94 23.74 -22.10
C GLY C 224 12.64 22.25 -22.26
N LYS C 225 13.23 21.42 -21.41
CA LYS C 225 13.00 19.98 -21.46
C LYS C 225 12.43 19.45 -20.15
N CYS C 226 11.55 18.45 -20.26
CA CYS C 226 11.06 17.78 -19.05
C CYS C 226 12.12 16.80 -18.54
N LEU C 227 12.48 16.91 -17.27
CA LEU C 227 13.55 16.10 -16.68
C LEU C 227 13.01 14.92 -15.87
N LYS C 228 11.99 15.18 -15.05
CA LYS C 228 11.43 14.17 -14.15
C LYS C 228 9.91 14.18 -14.25
N THR C 229 9.28 13.04 -13.99
CA THR C 229 7.83 13.01 -13.85
C THR C 229 7.46 12.27 -12.56
N TYR C 230 6.43 12.76 -11.88
CA TYR C 230 5.97 12.18 -10.62
C TYR C 230 4.53 11.74 -10.83
N THR C 231 4.23 10.48 -10.49
CA THR C 231 2.93 9.90 -10.78
C THR C 231 2.46 9.00 -9.64
N GLY C 232 1.26 8.46 -9.76
CA GLY C 232 0.72 7.54 -8.77
C GLY C 232 -0.49 8.12 -8.03
N HIS C 233 -0.63 9.43 -8.09
CA HIS C 233 -1.74 10.11 -7.42
C HIS C 233 -2.92 10.31 -8.36
N LYS C 234 -3.97 10.97 -7.88
CA LYS C 234 -5.14 11.27 -8.71
C LYS C 234 -5.30 12.77 -8.88
N ASN C 235 -5.18 13.23 -10.12
CA ASN C 235 -5.39 14.64 -10.40
C ASN C 235 -5.92 14.78 -11.81
N GLU C 236 -7.25 14.78 -11.92
CA GLU C 236 -7.95 14.82 -13.20
C GLU C 236 -8.83 16.06 -13.36
N LYS C 237 -9.11 16.75 -12.26
CA LYS C 237 -10.21 17.72 -12.26
C LYS C 237 -9.86 19.09 -11.68
N TYR C 238 -9.05 19.10 -10.63
CA TYR C 238 -8.84 20.30 -9.83
C TYR C 238 -7.45 20.86 -9.94
N CYS C 239 -7.34 22.17 -9.72
CA CYS C 239 -6.05 22.87 -9.72
C CYS C 239 -5.42 22.79 -8.34
N ILE C 240 -4.58 21.77 -8.17
CA ILE C 240 -4.02 21.43 -6.86
C ILE C 240 -2.59 21.98 -6.76
N PHE C 241 -2.28 22.65 -5.66
CA PHE C 241 -0.96 23.23 -5.47
C PHE C 241 0.07 22.13 -5.25
N ALA C 242 1.31 22.34 -5.71
CA ALA C 242 2.39 21.43 -5.41
C ALA C 242 3.58 22.26 -4.93
N ASN C 243 4.58 21.60 -4.35
CA ASN C 243 5.63 22.31 -3.66
C ASN C 243 6.98 21.62 -3.77
N PHE C 244 8.04 22.41 -3.65
CA PHE C 244 9.37 21.89 -3.37
C PHE C 244 9.58 21.95 -1.87
N SER C 245 9.78 20.81 -1.22
CA SER C 245 10.10 20.80 0.20
C SER C 245 11.63 20.71 0.33
N VAL C 246 12.22 21.66 1.06
CA VAL C 246 13.67 21.78 1.06
C VAL C 246 14.29 21.94 2.44
N THR C 247 13.44 22.01 3.47
CA THR C 247 13.93 22.23 4.83
C THR C 247 14.62 20.99 5.41
N GLY C 248 14.27 19.82 4.88
CA GLY C 248 14.88 18.57 5.26
C GLY C 248 15.36 17.85 4.03
N GLY C 249 14.85 16.65 3.79
CA GLY C 249 15.12 15.94 2.55
C GLY C 249 14.47 16.69 1.39
N LYS C 250 14.91 16.39 0.17
CA LYS C 250 14.41 17.12 -0.99
C LYS C 250 13.22 16.39 -1.59
N TRP C 251 12.01 16.88 -1.30
CA TRP C 251 10.80 16.21 -1.76
C TRP C 251 9.98 17.08 -2.69
N ILE C 252 9.06 16.44 -3.41
CA ILE C 252 7.97 17.11 -4.10
C ILE C 252 6.71 16.79 -3.29
N VAL C 253 5.90 17.81 -2.97
CA VAL C 253 4.70 17.59 -2.16
C VAL C 253 3.48 18.07 -2.93
N SER C 254 2.41 17.26 -2.94
CA SER C 254 1.19 17.66 -3.64
C SER C 254 -0.06 17.10 -2.98
N GLY C 255 -1.19 17.80 -3.14
CA GLY C 255 -2.46 17.23 -2.80
C GLY C 255 -2.90 16.24 -3.88
N SER C 256 -4.02 15.57 -3.65
CA SER C 256 -4.51 14.58 -4.61
C SER C 256 -6.00 14.46 -4.43
N GLU C 257 -6.70 13.97 -5.46
CA GLU C 257 -8.16 13.93 -5.45
C GLU C 257 -8.68 12.67 -4.76
N ASP C 258 -7.75 11.87 -4.24
CA ASP C 258 -8.12 10.69 -3.44
C ASP C 258 -8.01 10.98 -1.94
N ASN C 259 -7.93 12.28 -1.62
CA ASN C 259 -7.98 12.81 -0.25
C ASN C 259 -6.67 12.67 0.51
N LEU C 260 -5.60 12.36 -0.21
CA LEU C 260 -4.28 12.16 0.39
C LEU C 260 -3.33 13.29 0.02
N VAL C 261 -2.34 13.52 0.89
CA VAL C 261 -1.16 14.31 0.52
C VAL C 261 -0.11 13.35 0.08
N TYR C 262 0.43 13.54 -1.13
CA TYR C 262 1.51 12.71 -1.65
C TYR C 262 2.88 13.38 -1.52
N ILE C 263 3.89 12.61 -1.13
CA ILE C 263 5.25 13.12 -1.07
C ILE C 263 6.15 12.21 -1.91
N TRP C 264 6.88 12.80 -2.86
CA TRP C 264 7.83 12.04 -3.66
C TRP C 264 9.26 12.46 -3.35
N ASN C 265 10.19 11.52 -3.51
CA ASN C 265 11.60 11.83 -3.54
C ASN C 265 11.87 12.54 -4.87
N LEU C 266 12.40 13.76 -4.80
CA LEU C 266 12.56 14.59 -6.00
C LEU C 266 13.49 13.90 -7.00
N GLN C 267 14.57 13.32 -6.50
CA GLN C 267 15.58 12.74 -7.36
C GLN C 267 15.11 11.42 -7.98
N THR C 268 14.59 10.53 -7.15
CA THR C 268 14.27 9.16 -7.59
C THR C 268 12.85 9.01 -8.14
N LYS C 269 12.03 10.03 -7.88
CA LYS C 269 10.63 10.07 -8.33
C LYS C 269 9.73 9.04 -7.65
N GLU C 270 10.25 8.38 -6.62
CA GLU C 270 9.45 7.40 -5.88
C GLU C 270 8.57 8.09 -4.84
N ILE C 271 7.34 7.61 -4.68
CA ILE C 271 6.49 8.06 -3.59
C ILE C 271 7.11 7.61 -2.28
N VAL C 272 7.26 8.52 -1.32
CA VAL C 272 7.86 8.17 -0.03
C VAL C 272 6.89 8.28 1.15
N GLN C 273 5.83 9.04 0.97
CA GLN C 273 4.78 9.15 1.99
C GLN C 273 3.43 9.50 1.40
N LYS C 274 2.37 8.96 1.99
CA LYS C 274 1.01 9.39 1.67
C LYS C 274 0.31 9.73 2.99
N LEU C 275 -0.09 10.98 3.15
CA LEU C 275 -0.60 11.41 4.44
C LEU C 275 -2.11 11.24 4.45
N GLN C 276 -2.60 10.43 5.40
CA GLN C 276 -4.03 10.14 5.51
C GLN C 276 -4.70 10.95 6.59
N GLY C 277 -5.92 11.41 6.30
CA GLY C 277 -6.69 12.12 7.29
C GLY C 277 -7.82 12.93 6.72
N HIS C 278 -7.58 13.58 5.57
CA HIS C 278 -8.61 14.41 4.98
C HIS C 278 -9.75 13.55 4.43
N THR C 279 -10.94 14.13 4.31
CA THR C 279 -12.11 13.38 3.85
C THR C 279 -12.64 13.88 2.51
N ASP C 280 -11.93 14.82 1.89
CA ASP C 280 -12.27 15.31 0.55
C ASP C 280 -10.96 15.68 -0.13
N VAL C 281 -11.06 16.05 -1.40
CA VAL C 281 -9.89 16.40 -2.22
C VAL C 281 -8.93 17.35 -1.50
N VAL C 282 -7.65 17.01 -1.49
CA VAL C 282 -6.66 17.93 -0.93
C VAL C 282 -6.24 18.91 -2.02
N ILE C 283 -6.80 20.10 -1.97
CA ILE C 283 -6.63 21.10 -3.01
C ILE C 283 -5.32 21.88 -2.88
N SER C 284 -4.81 21.96 -1.66
CA SER C 284 -3.66 22.82 -1.43
C SER C 284 -2.72 22.19 -0.40
N THR C 285 -1.43 22.31 -0.67
CA THR C 285 -0.41 21.99 0.30
C THR C 285 0.58 23.15 0.32
N ALA C 286 1.22 23.36 1.46
CA ALA C 286 2.27 24.36 1.59
C ALA C 286 3.36 23.84 2.49
N CYS C 287 4.58 24.30 2.27
CA CYS C 287 5.72 23.88 3.08
C CYS C 287 6.31 25.06 3.88
N HIS C 288 6.54 24.83 5.16
CA HIS C 288 7.04 25.88 6.06
C HIS C 288 8.44 26.31 5.60
N PRO C 289 8.76 27.61 5.75
CA PRO C 289 10.03 28.06 5.16
C PRO C 289 11.29 27.61 5.88
N THR C 290 11.20 27.27 7.17
CA THR C 290 12.40 26.85 7.91
C THR C 290 12.30 25.50 8.61
N GLU C 291 11.07 25.11 8.99
CA GLU C 291 10.85 23.85 9.68
C GLU C 291 10.14 22.84 8.79
N ASN C 292 10.31 21.55 9.10
CA ASN C 292 9.61 20.49 8.39
C ASN C 292 8.13 20.44 8.79
N ILE C 293 7.35 21.37 8.27
CA ILE C 293 5.93 21.41 8.55
C ILE C 293 5.18 21.57 7.23
N ILE C 294 4.17 20.73 7.02
CA ILE C 294 3.34 20.81 5.82
C ILE C 294 1.92 21.17 6.26
N ALA C 295 1.34 22.17 5.59
CA ALA C 295 -0.07 22.46 5.75
C ALA C 295 -0.81 21.90 4.55
N SER C 296 -1.98 21.32 4.79
CA SER C 296 -2.82 20.80 3.70
C SER C 296 -4.23 21.29 3.93
N ALA C 297 -5.00 21.45 2.86
CA ALA C 297 -6.35 21.95 3.00
C ALA C 297 -7.25 21.22 2.04
N ALA C 298 -8.50 21.01 2.42
CA ALA C 298 -9.41 20.22 1.61
C ALA C 298 -10.70 20.93 1.20
N LEU C 299 -11.40 20.33 0.23
CA LEU C 299 -12.62 20.91 -0.31
C LEU C 299 -13.84 20.73 0.61
N GLU C 300 -15.02 20.99 0.06
CA GLU C 300 -16.25 21.24 0.83
C GLU C 300 -16.74 20.16 1.78
N ASN C 301 -16.53 18.90 1.44
CA ASN C 301 -16.97 17.84 2.34
C ASN C 301 -16.09 17.69 3.58
N ASP C 302 -14.94 18.37 3.56
CA ASP C 302 -13.95 18.29 4.62
C ASP C 302 -13.86 19.60 5.42
N LYS C 303 -13.53 20.68 4.71
CA LYS C 303 -13.43 22.04 5.28
C LYS C 303 -12.26 22.28 6.26
N THR C 304 -11.40 21.31 6.47
CA THR C 304 -10.31 21.48 7.44
C THR C 304 -8.94 21.72 6.82
N ILE C 305 -8.08 22.32 7.62
CA ILE C 305 -6.67 22.45 7.31
C ILE C 305 -5.94 21.56 8.29
N LYS C 306 -4.92 20.86 7.81
CA LYS C 306 -4.13 20.02 8.70
C LYS C 306 -2.66 20.43 8.68
N LEU C 307 -2.04 20.44 9.86
CA LEU C 307 -0.61 20.67 9.99
C LEU C 307 0.09 19.35 10.29
N TRP C 308 1.08 18.99 9.49
CA TRP C 308 1.80 17.73 9.63
C TRP C 308 3.26 18.07 9.91
N LYS C 309 3.90 17.35 10.83
CA LYS C 309 5.29 17.66 11.15
C LYS C 309 6.18 16.42 11.05
N SER C 310 7.44 16.65 10.67
CA SER C 310 8.38 15.55 10.43
C SER C 310 9.77 15.86 11.01
N ASP C 311 10.58 14.82 11.22
CA ASP C 311 11.94 15.00 11.71
C ASP C 311 12.94 15.22 10.57
N CYS C 312 12.56 14.83 9.35
CA CYS C 312 13.40 15.10 8.19
C CYS C 312 12.55 15.47 6.96
N LEU D 1 -22.59 32.39 -10.69
CA LEU D 1 -22.17 31.99 -9.35
C LEU D 1 -21.71 30.52 -9.31
N ASN D 2 -20.55 30.28 -8.71
CA ASN D 2 -20.05 28.93 -8.54
C ASN D 2 -20.75 28.23 -7.39
N PRO D 3 -21.31 27.04 -7.63
CA PRO D 3 -22.10 26.30 -6.64
C PRO D 3 -21.34 26.04 -5.35
N HIS D 4 -20.02 25.83 -5.46
CA HIS D 4 -19.20 25.54 -4.30
C HIS D 4 -18.49 26.76 -3.73
N GLY D 5 -18.84 27.94 -4.27
CA GLY D 5 -18.41 29.19 -3.65
C GLY D 5 -17.16 29.85 -4.21
N ALA D 6 -16.29 29.06 -4.83
CA ALA D 6 -15.06 29.61 -5.41
C ALA D 6 -14.60 28.80 -6.61
N ALA D 7 -14.06 29.48 -7.62
CA ALA D 7 -13.64 28.81 -8.84
C ALA D 7 -12.71 27.61 -8.63
N ARG D 8 -11.76 27.74 -7.71
CA ARG D 8 -10.83 26.64 -7.50
C ARG D 8 -11.54 25.39 -6.95
N ALA D 9 -12.71 25.60 -6.33
CA ALA D 9 -13.45 24.49 -5.74
C ALA D 9 -14.38 23.81 -6.75
N GLU D 10 -14.32 24.21 -8.01
CA GLU D 10 -15.14 23.58 -9.07
C GLU D 10 -14.32 22.81 -10.09
N VAL D 11 -14.97 21.88 -10.79
CA VAL D 11 -14.39 21.27 -11.99
C VAL D 11 -14.62 22.21 -13.17
N TYR D 12 -13.69 22.27 -14.12
CA TYR D 12 -13.82 23.16 -15.28
C TYR D 12 -14.16 22.43 -16.59
N LEU E 1 -26.88 -9.95 -2.95
CA LEU E 1 -27.36 -9.53 -4.26
C LEU E 1 -26.68 -8.24 -4.72
N ASN E 2 -25.80 -8.37 -5.72
CA ASN E 2 -25.07 -7.21 -6.23
C ASN E 2 -25.93 -6.31 -7.11
N PRO E 3 -26.01 -5.02 -6.76
CA PRO E 3 -26.85 -4.02 -7.42
C PRO E 3 -26.57 -3.91 -8.92
N HIS E 4 -25.31 -4.05 -9.30
CA HIS E 4 -24.93 -3.94 -10.70
C HIS E 4 -24.86 -5.29 -11.40
N GLY E 5 -25.28 -6.34 -10.71
CA GLY E 5 -25.47 -7.64 -11.34
C GLY E 5 -24.33 -8.65 -11.22
N ALA E 6 -23.11 -8.18 -11.00
CA ALA E 6 -21.96 -9.09 -10.90
C ALA E 6 -20.90 -8.51 -10.02
N ALA E 7 -20.21 -9.37 -9.26
CA ALA E 7 -19.21 -8.92 -8.30
C ALA E 7 -18.14 -8.02 -8.92
N ARG E 8 -17.66 -8.36 -10.11
CA ARG E 8 -16.60 -7.55 -10.71
C ARG E 8 -17.10 -6.13 -11.03
N ALA E 9 -18.41 -5.96 -11.15
CA ALA E 9 -18.98 -4.65 -11.49
C ALA E 9 -19.24 -3.78 -10.27
N GLU E 10 -18.81 -4.26 -9.10
CA GLU E 10 -18.99 -3.50 -7.85
C GLU E 10 -17.66 -3.09 -7.25
N VAL E 11 -17.68 -2.05 -6.42
CA VAL E 11 -16.53 -1.73 -5.57
C VAL E 11 -16.58 -2.65 -4.34
N TYR E 12 -15.42 -2.95 -3.75
CA TYR E 12 -15.39 -3.85 -2.59
C TYR E 12 -15.09 -3.11 -1.27
N LEU F 1 25.96 -16.84 5.56
CA LEU F 1 24.72 -16.24 5.08
C LEU F 1 23.58 -17.26 5.01
N ASN F 2 22.51 -17.01 5.76
CA ASN F 2 21.35 -17.90 5.77
C ASN F 2 20.46 -17.62 4.57
N PRO F 3 20.15 -18.66 3.77
CA PRO F 3 19.39 -18.54 2.52
C PRO F 3 18.02 -17.94 2.70
N HIS F 4 17.43 -18.12 3.88
CA HIS F 4 16.10 -17.60 4.16
C HIS F 4 16.14 -16.32 4.99
N GLY F 5 17.34 -15.78 5.21
CA GLY F 5 17.47 -14.45 5.79
C GLY F 5 17.68 -14.36 7.29
N ALA F 6 17.28 -15.39 8.03
CA ALA F 6 17.46 -15.38 9.48
C ALA F 6 17.61 -16.80 10.03
N ALA F 7 18.43 -16.95 11.06
CA ALA F 7 18.72 -18.27 11.61
C ALA F 7 17.47 -19.05 12.02
N ARG F 8 16.48 -18.38 12.61
CA ARG F 8 15.29 -19.09 13.05
C ARG F 8 14.48 -19.64 11.87
N ALA F 9 14.69 -19.06 10.68
CA ALA F 9 13.95 -19.50 9.50
C ALA F 9 14.65 -20.64 8.77
N GLU F 10 15.73 -21.17 9.36
CA GLU F 10 16.45 -22.29 8.76
C GLU F 10 16.36 -23.54 9.62
N VAL F 11 16.61 -24.70 9.00
CA VAL F 11 16.81 -25.94 9.74
C VAL F 11 18.26 -25.95 10.23
N TYR F 12 18.54 -26.64 11.34
CA TYR F 12 19.90 -26.70 11.87
C TYR F 12 20.63 -27.99 11.47
#